data_3V05
#
_entry.id   3V05
#
_cell.length_a   44.640
_cell.length_b   106.504
_cell.length_c   162.085
_cell.angle_alpha   90.00
_cell.angle_beta   90.00
_cell.angle_gamma   90.00
#
_symmetry.space_group_name_H-M   'P 21 21 21'
#
loop_
_entity.id
_entity.type
_entity.pdbx_description
1 polymer 'Superantigen-like Protein'
2 non-polymer 'CHLORIDE ION'
3 water water
#
_entity_poly.entity_id   1
_entity_poly.type   'polypeptide(L)'
_entity_poly.pdbx_seq_one_letter_code
;MGSSHHHHHHENLYFQGAESTQGQHNYKSLKYYYSKPSIELKNLDGLYRQKVTDKGVYVWKDRKDYFVGLLGKDIEKYPQ
GEHDKQDAFLVIEEETVNGRQYSIGGLSKTNSKEFSKEVDVKVTRKIDESSEKSKDSKFKITKEEISLKELDFKLRKKLM
EEEKLYGAVNNRKGKIVVKMEDDKFYTFELTKKLQPHRMGDTIDGTKIKEINVELEYK
;
_entity_poly.pdbx_strand_id   A,B,C,D
#
# COMPACT_ATOMS: atom_id res chain seq x y z
N HIS A 25 0.46 0.54 33.10
CA HIS A 25 0.86 -0.77 33.71
C HIS A 25 -0.28 -1.79 33.67
N ASN A 26 0.00 -3.02 34.07
CA ASN A 26 -1.00 -4.09 34.00
C ASN A 26 -2.17 -3.93 35.00
N TYR A 27 -1.89 -3.71 36.28
CA TYR A 27 -2.96 -3.53 37.28
C TYR A 27 -4.01 -2.52 36.83
N LYS A 28 -3.54 -1.35 36.40
CA LYS A 28 -4.41 -0.26 35.97
C LYS A 28 -5.33 -0.68 34.84
N SER A 29 -4.77 -1.33 33.81
CA SER A 29 -5.56 -1.78 32.66
C SER A 29 -6.67 -2.79 33.03
N LEU A 30 -6.41 -3.65 34.03
CA LEU A 30 -7.39 -4.65 34.46
C LEU A 30 -8.59 -3.97 35.13
N LYS A 31 -8.30 -3.05 36.02
CA LYS A 31 -9.31 -2.27 36.75
C LYS A 31 -10.17 -1.50 35.76
N TYR A 32 -9.53 -0.76 34.88
CA TYR A 32 -10.19 0.03 33.84
C TYR A 32 -11.07 -0.85 32.95
N TYR A 33 -10.47 -1.89 32.39
CA TYR A 33 -11.18 -2.75 31.44
C TYR A 33 -12.39 -3.44 32.07
N TYR A 34 -12.21 -4.08 33.21
CA TYR A 34 -13.32 -4.77 33.84
C TYR A 34 -14.30 -3.86 34.61
N SER A 35 -14.03 -2.56 34.63
CA SER A 35 -14.94 -1.58 35.20
C SER A 35 -15.90 -1.10 34.11
N LYS A 36 -15.56 -1.37 32.85
CA LYS A 36 -16.38 -0.96 31.72
C LYS A 36 -17.78 -1.54 31.78
N PRO A 37 -18.75 -0.82 31.22
CA PRO A 37 -20.11 -1.36 31.20
C PRO A 37 -20.21 -2.43 30.12
N SER A 38 -21.10 -3.39 30.32
CA SER A 38 -21.35 -4.40 29.32
C SER A 38 -22.68 -4.03 28.68
N ILE A 39 -22.91 -4.57 27.49
CA ILE A 39 -24.15 -4.35 26.77
C ILE A 39 -24.62 -5.72 26.27
N GLU A 40 -25.80 -6.14 26.73
CA GLU A 40 -26.35 -7.44 26.35
C GLU A 40 -27.50 -7.24 25.37
N LEU A 41 -27.30 -7.71 24.15
CA LEU A 41 -28.32 -7.62 23.12
C LEU A 41 -28.84 -9.01 22.83
N LYS A 42 -30.06 -9.30 23.30
CA LYS A 42 -30.71 -10.58 23.07
C LYS A 42 -31.53 -10.51 21.80
N ASN A 43 -31.26 -11.46 20.88
CA ASN A 43 -31.95 -11.54 19.61
C ASN A 43 -31.76 -10.27 18.81
N LEU A 44 -30.59 -10.17 18.19
CA LEU A 44 -30.22 -9.03 17.37
C LEU A 44 -31.19 -8.79 16.23
N ASP A 45 -31.42 -7.53 15.91
CA ASP A 45 -32.27 -7.17 14.77
C ASP A 45 -31.50 -7.48 13.49
N GLY A 46 -30.17 -7.54 13.59
CA GLY A 46 -29.33 -7.85 12.43
C GLY A 46 -27.89 -8.18 12.78
N LEU A 47 -27.28 -8.98 11.91
CA LEU A 47 -25.89 -9.40 12.02
C LEU A 47 -25.47 -9.63 10.58
N TYR A 48 -24.56 -8.82 10.08
CA TYR A 48 -24.15 -8.89 8.68
C TYR A 48 -22.64 -8.92 8.45
N ARG A 49 -22.18 -9.93 7.72
CA ARG A 49 -20.77 -10.08 7.36
C ARG A 49 -20.67 -9.48 5.97
N GLN A 50 -19.98 -8.35 5.86
CA GLN A 50 -19.86 -7.64 4.59
C GLN A 50 -18.98 -8.34 3.55
N LYS A 51 -17.75 -8.65 3.94
CA LYS A 51 -16.79 -9.27 3.03
C LYS A 51 -16.17 -10.50 3.64
N VAL A 52 -15.83 -11.45 2.78
CA VAL A 52 -15.20 -12.69 3.20
C VAL A 52 -13.75 -12.39 3.59
N THR A 53 -13.26 -11.23 3.17
CA THR A 53 -11.91 -10.77 3.45
C THR A 53 -11.80 -9.97 4.76
N ASP A 54 -12.92 -9.45 5.28
CA ASP A 54 -12.90 -8.66 6.51
C ASP A 54 -12.85 -9.54 7.78
N LYS A 55 -12.69 -8.91 8.93
CA LYS A 55 -12.59 -9.61 10.21
C LYS A 55 -13.65 -9.19 11.22
N GLY A 56 -14.91 -9.12 10.78
CA GLY A 56 -15.98 -8.77 11.70
C GLY A 56 -17.34 -8.67 11.06
N VAL A 57 -18.34 -8.39 11.88
CA VAL A 57 -19.72 -8.23 11.43
C VAL A 57 -20.40 -7.02 12.05
N TYR A 58 -21.30 -6.40 11.27
CA TYR A 58 -22.08 -5.27 11.78
C TYR A 58 -23.28 -5.88 12.49
N VAL A 59 -23.56 -5.40 13.69
CA VAL A 59 -24.70 -5.90 14.44
C VAL A 59 -25.51 -4.72 14.91
N TRP A 60 -26.80 -4.93 15.11
CA TRP A 60 -27.66 -3.86 15.56
C TRP A 60 -28.93 -4.36 16.19
N LYS A 61 -29.44 -3.58 17.14
CA LYS A 61 -30.69 -3.89 17.81
C LYS A 61 -31.27 -2.59 18.29
N ASP A 62 -32.58 -2.44 18.11
CA ASP A 62 -33.29 -1.26 18.55
C ASP A 62 -32.59 0.06 18.15
N ARG A 63 -32.23 0.13 16.87
CA ARG A 63 -31.65 1.32 16.26
C ARG A 63 -30.27 1.72 16.77
N LYS A 64 -29.55 0.77 17.35
CA LYS A 64 -28.18 1.01 17.83
C LYS A 64 -27.28 0.00 17.15
N ASP A 65 -26.30 0.51 16.39
CA ASP A 65 -25.39 -0.36 15.65
C ASP A 65 -24.00 -0.44 16.28
N TYR A 66 -23.29 -1.51 15.94
CA TYR A 66 -21.94 -1.75 16.43
C TYR A 66 -21.23 -2.65 15.45
N PHE A 67 -19.91 -2.73 15.57
CA PHE A 67 -19.14 -3.63 14.74
C PHE A 67 -18.43 -4.55 15.72
N VAL A 68 -18.56 -5.85 15.49
CA VAL A 68 -17.99 -6.87 16.37
C VAL A 68 -16.90 -7.62 15.61
N GLY A 69 -15.68 -7.61 16.15
CA GLY A 69 -14.54 -8.30 15.53
C GLY A 69 -14.56 -9.79 15.74
N LEU A 70 -14.21 -10.53 14.70
CA LEU A 70 -14.16 -11.99 14.72
C LEU A 70 -12.68 -12.35 14.61
N LEU A 71 -12.01 -12.47 15.77
CA LEU A 71 -10.57 -12.71 15.83
C LEU A 71 -10.16 -14.10 16.31
N GLY A 72 -11.09 -15.03 16.33
CA GLY A 72 -10.79 -16.39 16.74
C GLY A 72 -11.43 -17.36 15.77
N LYS A 73 -11.78 -18.54 16.25
CA LYS A 73 -12.43 -19.54 15.40
C LYS A 73 -13.86 -19.11 15.09
N ASP A 74 -14.40 -18.18 15.88
CA ASP A 74 -15.76 -17.66 15.67
C ASP A 74 -15.97 -17.14 14.25
N ILE A 75 -14.90 -16.65 13.62
CA ILE A 75 -15.00 -16.11 12.26
C ILE A 75 -15.60 -17.13 11.28
N GLU A 76 -15.34 -18.41 11.52
CA GLU A 76 -15.86 -19.50 10.66
C GLU A 76 -17.38 -19.70 10.74
N LYS A 77 -18.01 -19.18 11.79
CA LYS A 77 -19.47 -19.32 11.96
C LYS A 77 -20.26 -18.25 11.23
N TYR A 78 -19.58 -17.19 10.78
CA TYR A 78 -20.28 -16.09 10.12
C TYR A 78 -19.76 -15.77 8.72
N PRO A 79 -20.06 -16.64 7.75
CA PRO A 79 -19.66 -16.34 6.37
C PRO A 79 -20.43 -15.14 5.82
N GLN A 80 -19.95 -14.60 4.70
CA GLN A 80 -20.55 -13.41 4.07
C GLN A 80 -22.08 -13.54 4.00
N GLY A 81 -22.77 -12.45 4.30
CA GLY A 81 -24.23 -12.41 4.27
C GLY A 81 -24.81 -12.07 5.63
N GLU A 82 -26.12 -12.28 5.78
CA GLU A 82 -26.80 -11.98 7.04
C GLU A 82 -27.12 -13.23 7.84
N HIS A 83 -27.21 -13.06 9.16
CA HIS A 83 -27.48 -14.16 10.07
C HIS A 83 -28.46 -13.67 11.11
N ASP A 84 -29.33 -14.55 11.58
CA ASP A 84 -30.31 -14.17 12.60
C ASP A 84 -30.32 -15.17 13.75
N LYS A 85 -31.22 -14.96 14.70
CA LYS A 85 -31.32 -15.80 15.88
C LYS A 85 -29.96 -15.84 16.60
N GLN A 86 -29.39 -14.66 16.80
CA GLN A 86 -28.10 -14.48 17.47
C GLN A 86 -28.19 -13.46 18.61
N ASP A 87 -27.29 -13.62 19.57
CA ASP A 87 -27.16 -12.73 20.73
C ASP A 87 -25.78 -12.11 20.68
N ALA A 88 -25.62 -10.97 21.35
CA ALA A 88 -24.33 -10.30 21.38
C ALA A 88 -24.00 -9.78 22.77
N PHE A 89 -22.84 -10.18 23.28
CA PHE A 89 -22.38 -9.66 24.55
C PHE A 89 -21.28 -8.67 24.21
N LEU A 90 -21.56 -7.38 24.44
CA LEU A 90 -20.63 -6.33 24.08
C LEU A 90 -19.87 -5.71 25.21
N VAL A 91 -18.64 -5.34 24.91
CA VAL A 91 -17.77 -4.61 25.78
C VAL A 91 -17.08 -3.71 24.78
N ILE A 92 -17.38 -2.42 24.86
CA ILE A 92 -16.86 -1.45 23.90
C ILE A 92 -15.38 -1.15 24.16
N GLU A 93 -14.56 -1.50 23.17
CA GLU A 93 -13.11 -1.30 23.23
C GLU A 93 -12.77 0.16 22.98
N GLU A 94 -11.51 0.52 23.15
CA GLU A 94 -11.07 1.90 22.91
C GLU A 94 -11.03 2.27 21.43
N GLU A 95 -10.84 1.27 20.57
CA GLU A 95 -10.74 1.51 19.14
C GLU A 95 -12.08 1.78 18.48
N THR A 96 -12.10 2.75 17.58
CA THR A 96 -13.26 2.99 16.75
C THR A 96 -12.97 2.13 15.52
N VAL A 97 -13.95 1.37 15.05
CA VAL A 97 -13.73 0.51 13.88
C VAL A 97 -14.85 0.72 12.89
N ASN A 98 -14.49 1.08 11.65
CA ASN A 98 -15.46 1.35 10.60
C ASN A 98 -16.47 2.41 11.06
N GLY A 99 -15.96 3.40 11.80
CA GLY A 99 -16.76 4.50 12.30
C GLY A 99 -17.78 4.13 13.37
N ARG A 100 -17.61 2.97 14.00
CA ARG A 100 -18.54 2.49 15.00
C ARG A 100 -17.87 2.04 16.29
N GLN A 101 -18.68 1.90 17.33
CA GLN A 101 -18.25 1.37 18.60
C GLN A 101 -17.90 -0.09 18.30
N TYR A 102 -16.79 -0.55 18.87
CA TYR A 102 -16.26 -1.87 18.59
C TYR A 102 -16.18 -2.76 19.80
N SER A 103 -16.46 -4.03 19.58
CA SER A 103 -16.38 -5.05 20.62
C SER A 103 -15.84 -6.30 19.93
N ILE A 104 -15.19 -7.17 20.70
CA ILE A 104 -14.57 -8.38 20.15
C ILE A 104 -15.27 -9.65 20.62
N GLY A 105 -15.69 -10.48 19.67
CA GLY A 105 -16.38 -11.74 19.97
C GLY A 105 -17.71 -11.53 20.66
N GLY A 106 -18.04 -12.42 21.59
CA GLY A 106 -19.29 -12.31 22.35
C GLY A 106 -20.58 -12.66 21.63
N LEU A 107 -20.47 -13.31 20.47
CA LEU A 107 -21.65 -13.70 19.71
C LEU A 107 -22.03 -15.13 20.09
N SER A 108 -23.33 -15.42 20.01
CA SER A 108 -23.84 -16.73 20.35
C SER A 108 -25.24 -16.88 19.79
N LYS A 109 -25.69 -18.12 19.67
CA LYS A 109 -27.03 -18.40 19.19
C LYS A 109 -27.99 -18.03 20.29
N THR A 110 -29.13 -17.42 19.94
CA THR A 110 -30.11 -17.00 20.93
C THR A 110 -30.83 -18.22 21.52
N ASN A 111 -31.40 -18.06 22.70
CA ASN A 111 -32.15 -19.13 23.34
C ASN A 111 -33.36 -19.58 22.52
N SER A 112 -33.54 -20.88 22.38
CA SER A 112 -34.69 -21.44 21.68
C SER A 112 -35.97 -21.26 22.52
N LYS A 113 -35.80 -21.12 23.83
CA LYS A 113 -36.91 -20.90 24.75
C LYS A 113 -36.38 -20.35 26.07
N GLU A 114 -37.28 -20.07 27.02
CA GLU A 114 -36.88 -19.53 28.31
C GLU A 114 -35.98 -20.50 29.07
N PHE A 115 -34.80 -20.03 29.46
CA PHE A 115 -33.82 -20.86 30.16
C PHE A 115 -33.11 -20.09 31.28
N SER A 116 -33.04 -20.73 32.45
CA SER A 116 -32.37 -20.17 33.63
C SER A 116 -31.80 -21.31 34.45
N LYS A 117 -30.66 -21.07 35.08
CA LYS A 117 -30.02 -22.09 35.90
C LYS A 117 -29.12 -21.44 36.94
N GLU A 118 -29.32 -21.80 38.21
CA GLU A 118 -28.52 -21.31 39.31
C GLU A 118 -27.34 -22.25 39.49
N VAL A 119 -26.13 -21.69 39.46
CA VAL A 119 -24.91 -22.48 39.62
C VAL A 119 -24.07 -21.95 40.78
N ASP A 120 -23.42 -22.86 41.49
CA ASP A 120 -22.58 -22.51 42.63
C ASP A 120 -21.28 -21.83 42.22
N VAL A 121 -20.80 -20.92 43.06
CA VAL A 121 -19.54 -20.23 42.85
C VAL A 121 -18.71 -20.38 44.13
N LYS A 122 -17.68 -21.21 44.08
CA LYS A 122 -16.82 -21.45 45.22
C LYS A 122 -15.61 -20.52 45.15
N VAL A 123 -15.42 -19.69 46.16
CA VAL A 123 -14.30 -18.75 46.19
C VAL A 123 -13.35 -19.04 47.35
N THR A 124 -12.12 -19.45 47.04
CA THR A 124 -11.10 -19.75 48.06
C THR A 124 -9.95 -18.74 47.98
N ARG A 125 -9.10 -18.72 49.01
CA ARG A 125 -7.95 -17.80 49.05
C ARG A 125 -6.60 -18.46 49.35
N LYS A 126 -5.75 -18.56 48.33
CA LYS A 126 -4.41 -19.12 48.47
C LYS A 126 -3.38 -18.04 48.81
N ILE A 127 -2.76 -18.16 49.99
CA ILE A 127 -1.76 -17.21 50.46
C ILE A 127 -0.56 -17.93 51.07
N GLU A 129 1.59 -21.64 49.65
CA GLU A 129 0.53 -21.97 48.71
C GLU A 129 -0.53 -22.83 49.40
N SER A 130 -1.48 -22.18 50.05
CA SER A 130 -2.54 -22.88 50.77
C SER A 130 -3.87 -22.11 50.76
N SER A 131 -4.87 -22.70 50.12
CA SER A 131 -6.21 -22.09 50.01
C SER A 131 -6.99 -22.24 51.32
N GLU A 132 -7.41 -21.11 51.90
CA GLU A 132 -8.14 -21.11 53.17
C GLU A 132 -9.67 -21.25 52.98
N LYS A 133 -10.44 -20.88 54.00
CA LYS A 133 -11.91 -20.96 53.99
C LYS A 133 -12.51 -20.35 52.72
N SER A 134 -13.60 -20.95 52.24
CA SER A 134 -14.25 -20.48 51.03
C SER A 134 -15.67 -19.96 51.29
N LYS A 135 -16.09 -19.01 50.46
CA LYS A 135 -17.42 -18.43 50.53
C LYS A 135 -18.17 -18.85 49.27
N ASP A 136 -19.39 -19.37 49.44
CA ASP A 136 -20.18 -19.84 48.30
C ASP A 136 -21.27 -18.85 47.94
N SER A 137 -21.47 -18.63 46.65
CA SER A 137 -22.49 -17.72 46.14
C SER A 137 -23.15 -18.34 44.91
N LYS A 138 -24.19 -17.69 44.44
CA LYS A 138 -24.93 -18.16 43.29
C LYS A 138 -24.68 -17.28 42.07
N PHE A 139 -24.76 -17.90 40.89
CA PHE A 139 -24.59 -17.18 39.62
C PHE A 139 -25.61 -17.74 38.64
N LYS A 140 -26.44 -16.87 38.08
CA LYS A 140 -27.49 -17.27 37.15
C LYS A 140 -27.05 -17.28 35.69
N ILE A 141 -27.41 -18.35 34.98
CA ILE A 141 -27.09 -18.50 33.56
C ILE A 141 -28.37 -18.33 32.75
N THR A 142 -28.44 -17.23 32.00
CA THR A 142 -29.63 -16.91 31.21
C THR A 142 -29.63 -17.50 29.79
N LYS A 143 -28.47 -17.94 29.31
CA LYS A 143 -28.36 -18.44 27.93
C LYS A 143 -28.02 -19.93 27.76
N GLU A 144 -28.56 -20.53 26.71
CA GLU A 144 -28.31 -21.92 26.36
C GLU A 144 -26.88 -22.04 25.84
N GLU A 145 -26.50 -21.11 24.97
CA GLU A 145 -25.15 -21.03 24.42
C GLU A 145 -24.57 -19.69 24.86
N ILE A 146 -23.46 -19.74 25.57
CA ILE A 146 -22.86 -18.55 26.14
C ILE A 146 -21.38 -18.43 25.80
N SER A 147 -20.94 -17.20 25.50
CA SER A 147 -19.54 -16.98 25.13
C SER A 147 -18.64 -16.87 26.34
N LEU A 148 -17.38 -17.27 26.16
CA LEU A 148 -16.40 -17.15 27.22
C LEU A 148 -16.23 -15.69 27.64
N LYS A 149 -16.44 -14.77 26.70
CA LYS A 149 -16.34 -13.35 26.97
C LYS A 149 -17.31 -12.94 28.09
N GLU A 150 -18.56 -13.39 27.96
CA GLU A 150 -19.60 -13.05 28.93
C GLU A 150 -19.33 -13.65 30.29
N LEU A 151 -19.03 -14.95 30.32
CA LEU A 151 -18.74 -15.61 31.58
C LEU A 151 -17.59 -14.88 32.26
N ASP A 152 -16.51 -14.65 31.52
CA ASP A 152 -15.32 -13.98 32.05
C ASP A 152 -15.62 -12.61 32.62
N PHE A 153 -16.30 -11.79 31.83
CA PHE A 153 -16.60 -10.42 32.22
C PHE A 153 -17.59 -10.31 33.38
N LYS A 154 -18.67 -11.11 33.34
CA LYS A 154 -19.66 -11.05 34.41
C LYS A 154 -19.08 -11.58 35.72
N LEU A 155 -18.31 -12.67 35.63
CA LEU A 155 -17.70 -13.25 36.82
C LEU A 155 -16.65 -12.33 37.45
N ARG A 156 -15.87 -11.63 36.65
CA ARG A 156 -14.88 -10.72 37.24
C ARG A 156 -15.58 -9.52 37.88
N LYS A 157 -16.67 -9.06 37.27
CA LYS A 157 -17.39 -7.93 37.84
C LYS A 157 -18.00 -8.31 39.19
N LYS A 158 -18.43 -9.56 39.33
CA LYS A 158 -18.94 -10.06 40.60
C LYS A 158 -17.82 -10.03 41.65
N LEU A 159 -16.62 -10.42 41.24
CA LEU A 159 -15.47 -10.46 42.14
C LEU A 159 -14.96 -9.06 42.52
N MET A 160 -15.05 -8.11 41.60
CA MET A 160 -14.62 -6.73 41.90
C MET A 160 -15.55 -6.11 42.93
N GLU A 161 -16.80 -6.58 42.92
CA GLU A 161 -17.83 -6.07 43.81
C GLU A 161 -17.91 -6.81 45.14
N GLU A 162 -17.62 -8.12 45.14
CA GLU A 162 -17.75 -8.95 46.34
C GLU A 162 -16.45 -9.48 46.94
N GLU A 163 -15.36 -9.43 46.19
CA GLU A 163 -14.07 -9.94 46.69
C GLU A 163 -12.91 -8.97 46.46
N LYS A 164 -13.24 -7.69 46.33
CA LYS A 164 -12.24 -6.64 46.10
C LYS A 164 -11.27 -6.91 44.95
N LEU A 165 -11.74 -7.59 43.90
CA LEU A 165 -10.87 -7.86 42.74
C LEU A 165 -10.44 -6.54 42.12
N TYR A 166 -9.14 -6.36 41.96
CA TYR A 166 -8.55 -5.14 41.40
C TYR A 166 -8.87 -3.90 42.23
N GLY A 167 -9.08 -4.10 43.54
CA GLY A 167 -9.36 -3.01 44.46
C GLY A 167 -8.07 -2.39 44.98
N ALA A 168 -6.95 -3.08 44.75
CA ALA A 168 -5.63 -2.61 45.16
C ALA A 168 -4.57 -3.30 44.31
N VAL A 169 -3.34 -2.80 44.37
CA VAL A 169 -2.23 -3.33 43.56
C VAL A 169 -2.08 -4.85 43.56
N ASN A 170 -2.18 -5.47 44.74
CA ASN A 170 -2.03 -6.93 44.85
C ASN A 170 -3.29 -7.76 44.64
N ASN A 171 -4.44 -7.12 44.41
CA ASN A 171 -5.69 -7.87 44.19
C ASN A 171 -5.91 -8.20 42.71
N ARG A 172 -4.94 -8.87 42.12
CA ARG A 172 -4.96 -9.25 40.70
C ARG A 172 -4.55 -10.70 40.40
N LYS A 173 -4.12 -11.43 41.42
CA LYS A 173 -3.68 -12.81 41.23
C LYS A 173 -4.79 -13.82 41.59
N GLY A 174 -4.90 -14.88 40.79
CA GLY A 174 -5.91 -15.90 41.01
C GLY A 174 -6.44 -16.40 39.67
N LYS A 175 -7.51 -17.19 39.71
CA LYS A 175 -8.11 -17.72 38.49
C LYS A 175 -9.56 -18.15 38.67
N ILE A 176 -10.35 -17.99 37.62
CA ILE A 176 -11.76 -18.39 37.56
C ILE A 176 -11.80 -19.68 36.75
N VAL A 177 -12.46 -20.72 37.28
CA VAL A 177 -12.56 -21.99 36.57
C VAL A 177 -14.02 -22.41 36.37
N VAL A 178 -14.42 -22.55 35.11
CA VAL A 178 -15.76 -22.97 34.76
C VAL A 178 -15.74 -24.46 34.44
N LYS A 179 -16.27 -25.26 35.36
CA LYS A 179 -16.31 -26.73 35.19
C LYS A 179 -17.63 -27.18 34.55
N MET A 180 -17.53 -28.12 33.61
CA MET A 180 -18.68 -28.65 32.91
C MET A 180 -19.10 -29.98 33.53
N GLU A 181 -20.26 -30.50 33.11
CA GLU A 181 -20.76 -31.79 33.62
C GLU A 181 -19.78 -32.95 33.43
N ASP A 182 -19.09 -32.96 32.30
CA ASP A 182 -18.13 -34.03 31.98
C ASP A 182 -16.70 -33.77 32.49
N ASP A 183 -16.58 -33.00 33.58
CA ASP A 183 -15.28 -32.67 34.21
C ASP A 183 -14.35 -31.77 33.36
N LYS A 184 -14.75 -31.47 32.12
CA LYS A 184 -13.95 -30.61 31.25
C LYS A 184 -14.14 -29.17 31.76
N PHE A 185 -13.09 -28.34 31.66
CA PHE A 185 -13.16 -26.98 32.20
C PHE A 185 -12.51 -25.87 31.38
N TYR A 186 -12.93 -24.63 31.67
CA TYR A 186 -12.42 -23.42 31.02
C TYR A 186 -11.86 -22.50 32.11
N THR A 187 -10.64 -22.04 31.92
CA THR A 187 -9.96 -21.23 32.94
C THR A 187 -9.59 -19.81 32.50
N PHE A 188 -9.84 -18.83 33.38
CA PHE A 188 -9.49 -17.44 33.11
C PHE A 188 -8.45 -16.98 34.15
N GLU A 189 -7.26 -16.63 33.68
CA GLU A 189 -6.21 -16.12 34.55
C GLU A 189 -6.50 -14.67 34.87
N LEU A 190 -6.65 -14.36 36.15
CA LEU A 190 -6.99 -13.00 36.58
C LEU A 190 -5.88 -11.97 36.41
N THR A 191 -4.63 -12.42 36.32
CA THR A 191 -3.48 -11.50 36.15
C THR A 191 -3.44 -10.83 34.77
N LYS A 192 -4.36 -11.20 33.89
CA LYS A 192 -4.43 -10.59 32.56
C LYS A 192 -5.85 -10.65 32.01
N LYS A 193 -6.09 -9.84 30.98
CA LYS A 193 -7.40 -9.80 30.32
C LYS A 193 -7.60 -11.09 29.55
N LEU A 194 -8.85 -11.42 29.24
CA LEU A 194 -9.16 -12.61 28.45
C LEU A 194 -8.56 -12.38 27.06
N GLN A 195 -7.91 -13.40 26.51
CA GLN A 195 -7.29 -13.26 25.20
C GLN A 195 -8.36 -13.02 24.12
N PRO A 196 -8.13 -12.04 23.25
CA PRO A 196 -9.10 -11.77 22.20
C PRO A 196 -9.55 -12.99 21.39
N HIS A 197 -8.63 -13.90 21.03
CA HIS A 197 -9.00 -15.09 20.25
C HIS A 197 -9.96 -16.06 21.00
N ARG A 198 -10.16 -15.84 22.30
CA ARG A 198 -11.05 -16.69 23.10
C ARG A 198 -12.42 -16.06 23.36
N MET A 199 -12.54 -14.75 23.14
CA MET A 199 -13.79 -14.06 23.39
C MET A 199 -14.99 -14.56 22.58
N GLY A 200 -14.73 -15.10 21.39
CA GLY A 200 -15.79 -15.62 20.52
C GLY A 200 -16.12 -17.09 20.69
N ASP A 201 -15.30 -17.81 21.47
CA ASP A 201 -15.56 -19.22 21.72
C ASP A 201 -16.78 -19.32 22.62
N THR A 202 -17.62 -20.34 22.39
CA THR A 202 -18.82 -20.54 23.20
C THR A 202 -18.87 -21.94 23.80
N ILE A 203 -19.63 -22.09 24.89
CA ILE A 203 -19.86 -23.38 25.53
C ILE A 203 -21.35 -23.50 25.81
N ASP A 204 -21.79 -24.73 26.08
CA ASP A 204 -23.19 -25.01 26.36
C ASP A 204 -23.53 -24.62 27.80
N GLY A 205 -24.32 -23.56 27.93
CA GLY A 205 -24.74 -23.05 29.24
C GLY A 205 -25.52 -24.02 30.11
N THR A 206 -26.20 -24.97 29.49
CA THR A 206 -26.98 -25.97 30.23
C THR A 206 -26.07 -27.06 30.81
N LYS A 207 -24.88 -27.19 30.23
CA LYS A 207 -23.89 -28.18 30.67
C LYS A 207 -22.92 -27.64 31.72
N ILE A 208 -23.08 -26.37 32.11
CA ILE A 208 -22.21 -25.77 33.13
C ILE A 208 -22.59 -26.33 34.51
N LYS A 209 -21.63 -26.99 35.16
CA LYS A 209 -21.86 -27.59 36.47
C LYS A 209 -21.55 -26.67 37.63
N GLU A 210 -20.32 -26.14 37.64
CA GLU A 210 -19.84 -25.35 38.78
C GLU A 210 -18.81 -24.30 38.38
N ILE A 211 -18.64 -23.31 39.26
CA ILE A 211 -17.66 -22.26 39.05
C ILE A 211 -16.74 -22.18 40.26
N ASN A 212 -15.48 -22.56 40.07
CA ASN A 212 -14.49 -22.57 41.13
C ASN A 212 -13.50 -21.42 40.95
N VAL A 213 -13.52 -20.47 41.88
CA VAL A 213 -12.66 -19.31 41.85
C VAL A 213 -11.57 -19.37 42.91
N GLU A 214 -10.35 -19.04 42.53
CA GLU A 214 -9.23 -18.98 43.45
C GLU A 214 -8.67 -17.58 43.40
N LEU A 215 -8.56 -16.95 44.58
CA LEU A 215 -8.02 -15.61 44.71
C LEU A 215 -6.73 -15.68 45.51
N GLU A 216 -5.62 -15.27 44.91
CA GLU A 216 -4.32 -15.34 45.59
C GLU A 216 -3.92 -14.01 46.25
N TYR A 217 -4.79 -13.52 47.13
CA TYR A 217 -4.54 -12.29 47.88
C TYR A 217 -5.53 -12.22 49.03
N LYS A 218 -5.22 -11.43 50.04
CA LYS A 218 -6.10 -11.30 51.21
C LYS A 218 -7.09 -10.14 51.04
N HIS B 25 -16.65 -18.43 0.63
CA HIS B 25 -16.01 -19.79 0.69
C HIS B 25 -14.62 -19.61 1.29
N ASN B 26 -14.03 -20.72 1.73
CA ASN B 26 -12.69 -20.71 2.31
C ASN B 26 -11.65 -20.30 1.28
N TYR B 27 -11.84 -20.74 0.04
CA TYR B 27 -10.94 -20.42 -1.07
C TYR B 27 -10.84 -18.92 -1.37
N LYS B 28 -11.99 -18.26 -1.49
CA LYS B 28 -12.02 -16.83 -1.78
C LYS B 28 -11.33 -16.00 -0.70
N SER B 29 -11.55 -16.33 0.56
CA SER B 29 -10.93 -15.58 1.66
C SER B 29 -9.40 -15.76 1.71
N LEU B 30 -8.90 -16.92 1.29
CA LEU B 30 -7.45 -17.17 1.25
C LEU B 30 -6.82 -16.41 0.10
N LYS B 31 -7.37 -16.64 -1.09
CA LYS B 31 -6.93 -16.02 -2.34
C LYS B 31 -6.89 -14.49 -2.28
N TYR B 32 -7.98 -13.88 -1.81
CA TYR B 32 -8.05 -12.40 -1.77
C TYR B 32 -7.37 -11.76 -0.57
N TYR B 33 -6.90 -12.58 0.37
CA TYR B 33 -6.16 -12.05 1.50
C TYR B 33 -4.68 -12.07 1.16
N TYR B 34 -4.18 -13.23 0.75
CA TYR B 34 -2.75 -13.38 0.42
C TYR B 34 -2.33 -12.77 -0.93
N SER B 35 -3.26 -12.22 -1.71
CA SER B 35 -2.92 -11.54 -2.96
C SER B 35 -2.71 -10.05 -2.68
N LYS B 36 -3.06 -9.60 -1.47
CA LYS B 36 -2.90 -8.20 -1.08
C LYS B 36 -1.44 -7.79 -1.06
N PRO B 37 -1.16 -6.49 -1.32
CA PRO B 37 0.23 -6.02 -1.24
C PRO B 37 0.68 -5.91 0.22
N SER B 38 1.99 -5.94 0.44
CA SER B 38 2.52 -5.79 1.79
C SER B 38 3.47 -4.62 1.83
N ILE B 39 3.58 -4.01 3.01
CA ILE B 39 4.46 -2.86 3.20
C ILE B 39 5.49 -3.20 4.27
N GLU B 40 6.76 -3.11 3.89
CA GLU B 40 7.86 -3.34 4.81
C GLU B 40 8.41 -1.99 5.24
N LEU B 41 8.14 -1.62 6.48
CA LEU B 41 8.64 -0.38 7.06
C LEU B 41 9.79 -0.68 8.02
N LYS B 42 11.02 -0.48 7.55
N LYS B 42 11.01 -0.46 7.56
CA LYS B 42 12.21 -0.66 8.38
CA LYS B 42 12.23 -0.65 8.37
C LYS B 42 12.47 0.63 9.15
C LYS B 42 12.50 0.63 9.14
N ASN B 43 12.81 0.52 10.43
CA ASN B 43 13.09 1.68 11.26
C ASN B 43 12.00 2.75 11.25
N LEU B 44 10.92 2.45 11.95
CA LEU B 44 9.80 3.36 12.05
C LEU B 44 10.24 4.71 12.61
N ASP B 45 9.62 5.78 12.15
CA ASP B 45 9.88 7.09 12.74
C ASP B 45 9.30 7.08 14.17
N GLY B 46 8.39 6.16 14.43
CA GLY B 46 7.85 6.01 15.77
C GLY B 46 6.72 5.03 15.85
N LEU B 47 6.48 4.52 17.06
CA LEU B 47 5.33 3.66 17.31
C LEU B 47 4.89 4.03 18.72
N TYR B 48 3.60 4.30 18.89
CA TYR B 48 3.10 4.83 20.13
C TYR B 48 1.85 4.15 20.68
N ARG B 49 1.99 3.64 21.90
CA ARG B 49 0.89 3.01 22.63
C ARG B 49 0.28 4.15 23.45
N GLN B 50 -0.89 4.64 23.04
CA GLN B 50 -1.52 5.77 23.72
C GLN B 50 -2.11 5.42 25.09
N LYS B 51 -2.93 4.38 25.14
CA LYS B 51 -3.61 3.99 26.37
C LYS B 51 -3.26 2.57 26.79
N VAL B 52 -3.26 2.32 28.10
CA VAL B 52 -2.99 0.99 28.63
C VAL B 52 -4.18 0.07 28.34
N THR B 53 -5.33 0.66 28.03
CA THR B 53 -6.55 -0.08 27.76
C THR B 53 -6.81 -0.35 26.27
N ASP B 54 -5.99 0.19 25.37
CA ASP B 54 -6.21 -0.05 23.95
C ASP B 54 -5.41 -1.26 23.44
N LYS B 55 -5.83 -1.81 22.30
CA LYS B 55 -5.22 -3.01 21.74
C LYS B 55 -4.44 -2.77 20.46
N GLY B 56 -3.58 -1.76 20.47
CA GLY B 56 -2.77 -1.44 19.31
C GLY B 56 -1.85 -0.25 19.51
N VAL B 57 -1.02 0.00 18.50
CA VAL B 57 -0.08 1.12 18.53
C VAL B 57 -0.15 1.96 17.26
N TYR B 58 0.14 3.24 17.39
CA TYR B 58 0.20 4.13 16.25
C TYR B 58 1.61 4.02 15.73
N VAL B 59 1.75 3.78 14.44
CA VAL B 59 3.07 3.65 13.84
C VAL B 59 3.19 4.58 12.65
N TRP B 60 4.38 5.13 12.44
CA TRP B 60 4.55 6.02 11.32
C TRP B 60 5.98 6.09 10.79
N LYS B 61 6.08 6.29 9.49
CA LYS B 61 7.34 6.42 8.80
C LYS B 61 7.09 7.24 7.55
N ASP B 62 8.04 8.13 7.25
CA ASP B 62 7.97 8.99 6.06
C ASP B 62 6.63 9.69 5.87
N ARG B 63 6.07 10.18 6.98
CA ARG B 63 4.78 10.88 6.99
C ARG B 63 3.55 10.03 6.69
N LYS B 64 3.71 8.71 6.70
CA LYS B 64 2.61 7.76 6.53
C LYS B 64 2.34 7.14 7.89
N ASP B 65 1.11 7.22 8.37
CA ASP B 65 0.79 6.61 9.67
C ASP B 65 -0.22 5.51 9.51
N TYR B 66 -0.21 4.60 10.48
CA TYR B 66 -1.10 3.45 10.49
C TYR B 66 -1.39 3.10 11.93
N PHE B 67 -2.40 2.27 12.13
CA PHE B 67 -2.70 1.79 13.46
C PHE B 67 -2.47 0.29 13.36
N VAL B 68 -1.65 -0.24 14.26
CA VAL B 68 -1.32 -1.67 14.23
C VAL B 68 -1.90 -2.38 15.44
N GLY B 69 -2.59 -3.48 15.17
CA GLY B 69 -3.25 -4.24 16.21
C GLY B 69 -2.34 -5.17 16.95
N LEU B 70 -2.47 -5.18 18.27
CA LEU B 70 -1.71 -6.04 19.16
C LEU B 70 -2.76 -6.98 19.74
N LEU B 71 -2.88 -8.15 19.13
CA LEU B 71 -3.93 -9.09 19.50
C LEU B 71 -3.41 -10.44 19.99
N GLY B 72 -2.13 -10.49 20.35
CA GLY B 72 -1.53 -11.72 20.87
C GLY B 72 -0.63 -11.37 22.03
N LYS B 73 0.40 -12.16 22.26
CA LYS B 73 1.34 -11.87 23.35
C LYS B 73 2.17 -10.64 23.05
N ASP B 74 2.15 -10.18 21.79
CA ASP B 74 2.91 -9.00 21.41
C ASP B 74 2.47 -7.73 22.17
N ILE B 75 1.24 -7.70 22.66
CA ILE B 75 0.76 -6.53 23.40
C ILE B 75 1.62 -6.29 24.64
N GLU B 76 2.17 -7.37 25.19
CA GLU B 76 3.02 -7.29 26.37
C GLU B 76 4.37 -6.57 26.13
N LYS B 77 4.84 -6.54 24.88
CA LYS B 77 6.12 -5.89 24.57
C LYS B 77 6.01 -4.39 24.35
N TYR B 78 4.79 -3.87 24.23
CA TYR B 78 4.61 -2.44 23.96
C TYR B 78 3.73 -1.66 24.93
N PRO B 79 4.22 -1.47 26.17
CA PRO B 79 3.47 -0.71 27.16
C PRO B 79 3.25 0.74 26.77
N GLN B 80 2.42 1.45 27.53
CA GLN B 80 2.05 2.84 27.26
C GLN B 80 3.31 3.70 27.08
N GLY B 81 3.34 4.46 25.99
CA GLY B 81 4.48 5.33 25.68
C GLY B 81 5.08 5.02 24.32
N GLU B 82 6.29 5.53 24.08
CA GLU B 82 6.99 5.34 22.82
C GLU B 82 8.02 4.21 22.88
N HIS B 83 8.27 3.61 21.72
CA HIS B 83 9.24 2.53 21.60
C HIS B 83 9.95 2.74 20.27
N ASP B 84 11.27 2.84 20.30
CA ASP B 84 12.03 3.08 19.07
C ASP B 84 12.81 1.86 18.58
N LYS B 85 13.52 2.04 17.48
CA LYS B 85 14.30 0.96 16.84
C LYS B 85 13.42 -0.26 16.59
N GLN B 86 12.31 -0.01 15.93
CA GLN B 86 11.35 -1.06 15.67
C GLN B 86 10.99 -1.07 14.16
N ASP B 87 10.64 -2.26 13.65
CA ASP B 87 10.21 -2.45 12.25
C ASP B 87 8.74 -2.90 12.23
N ALA B 88 8.09 -2.74 11.09
CA ALA B 88 6.70 -3.15 10.93
C ALA B 88 6.49 -3.75 9.55
N PHE B 89 5.81 -4.90 9.53
CA PHE B 89 5.43 -5.58 8.30
C PHE B 89 3.92 -5.44 8.24
N LEU B 90 3.45 -4.63 7.31
CA LEU B 90 2.03 -4.33 7.18
C LEU B 90 1.30 -5.06 6.05
N VAL B 91 0.07 -5.47 6.37
CA VAL B 91 -0.88 -5.99 5.39
C VAL B 91 -2.15 -5.23 5.79
N ILE B 92 -2.58 -4.33 4.92
CA ILE B 92 -3.74 -3.47 5.22
C ILE B 92 -5.04 -4.27 5.20
N GLU B 93 -5.67 -4.36 6.37
CA GLU B 93 -6.94 -5.07 6.54
C GLU B 93 -8.09 -4.25 5.99
N GLU B 94 -9.27 -4.88 5.93
CA GLU B 94 -10.47 -4.23 5.43
C GLU B 94 -11.03 -3.17 6.36
N GLU B 95 -10.82 -3.34 7.66
CA GLU B 95 -11.34 -2.38 8.64
C GLU B 95 -10.54 -1.10 8.72
N THR B 96 -11.26 -0.01 8.96
CA THR B 96 -10.66 1.27 9.23
C THR B 96 -10.71 1.30 10.75
N VAL B 97 -9.55 1.50 11.40
CA VAL B 97 -9.47 1.54 12.85
C VAL B 97 -8.90 2.88 13.29
N ASN B 98 -9.59 3.54 14.22
CA ASN B 98 -9.17 4.86 14.69
C ASN B 98 -8.87 5.83 13.55
N GLY B 99 -9.66 5.75 12.48
CA GLY B 99 -9.50 6.63 11.32
C GLY B 99 -8.33 6.32 10.39
N ARG B 100 -7.55 5.30 10.73
CA ARG B 100 -6.38 4.89 9.95
C ARG B 100 -6.50 3.52 9.30
N GLN B 101 -5.60 3.29 8.35
CA GLN B 101 -5.44 2.01 7.72
C GLN B 101 -4.89 1.12 8.83
N TYR B 102 -5.29 -0.14 8.81
CA TYR B 102 -4.98 -1.04 9.90
C TYR B 102 -4.33 -2.34 9.46
N SER B 103 -3.45 -2.84 10.31
CA SER B 103 -2.73 -4.08 10.11
C SER B 103 -2.61 -4.73 11.48
N ILE B 104 -2.46 -6.04 11.50
CA ILE B 104 -2.36 -6.77 12.74
C ILE B 104 -0.98 -7.36 12.96
N GLY B 105 -0.39 -7.06 14.12
CA GLY B 105 0.93 -7.56 14.47
C GLY B 105 2.03 -7.13 13.51
N GLY B 106 2.98 -8.03 13.27
CA GLY B 106 4.07 -7.78 12.33
C GLY B 106 5.16 -6.83 12.82
N LEU B 107 5.18 -6.58 14.12
CA LEU B 107 6.16 -5.68 14.71
C LEU B 107 7.36 -6.48 15.20
N SER B 108 8.53 -5.88 15.08
CA SER B 108 9.75 -6.55 15.48
C SER B 108 10.88 -5.57 15.71
N LYS B 109 11.93 -6.07 16.34
CA LYS B 109 13.12 -5.29 16.60
C LYS B 109 13.80 -5.05 15.27
N THR B 110 14.26 -3.82 15.03
CA THR B 110 14.95 -3.48 13.80
C THR B 110 16.34 -4.12 13.90
N ASN B 111 16.99 -4.36 12.76
CA ASN B 111 18.32 -4.97 12.78
C ASN B 111 19.35 -4.13 13.52
N SER B 112 20.25 -4.81 14.23
CA SER B 112 21.34 -4.15 14.95
C SER B 112 22.47 -3.85 13.96
N LYS B 113 22.53 -4.64 12.89
CA LYS B 113 23.54 -4.49 11.84
C LYS B 113 23.01 -5.12 10.57
N GLU B 114 23.72 -4.96 9.45
CA GLU B 114 23.25 -5.54 8.19
C GLU B 114 23.23 -7.06 8.30
N PHE B 115 22.14 -7.66 7.88
CA PHE B 115 21.97 -9.10 7.92
C PHE B 115 21.16 -9.60 6.72
N SER B 116 21.72 -10.57 6.01
CA SER B 116 21.10 -11.16 4.83
C SER B 116 21.46 -12.63 4.77
N LYS B 117 20.46 -13.50 4.66
CA LYS B 117 20.72 -14.92 4.60
C LYS B 117 19.72 -15.64 3.69
N GLU B 118 20.26 -16.39 2.74
CA GLU B 118 19.47 -17.20 1.82
C GLU B 118 19.31 -18.60 2.42
N VAL B 119 18.07 -19.09 2.50
CA VAL B 119 17.83 -20.44 3.00
C VAL B 119 17.13 -21.23 1.90
N ASP B 120 17.31 -22.54 1.92
CA ASP B 120 16.69 -23.41 0.93
C ASP B 120 15.20 -23.59 1.22
N VAL B 121 14.40 -23.68 0.16
CA VAL B 121 12.97 -23.90 0.27
C VAL B 121 12.64 -25.20 -0.46
N LYS B 122 12.42 -26.27 0.31
CA LYS B 122 12.09 -27.56 -0.26
C LYS B 122 10.57 -27.66 -0.48
N VAL B 123 10.15 -27.67 -1.74
CA VAL B 123 8.74 -27.78 -2.08
C VAL B 123 8.42 -29.19 -2.58
N THR B 124 7.73 -29.98 -1.76
CA THR B 124 7.33 -31.34 -2.11
C THR B 124 5.87 -31.31 -2.49
N ARG B 125 5.44 -32.21 -3.38
CA ARG B 125 4.07 -32.18 -3.85
C ARG B 125 3.43 -33.57 -3.88
N LYS B 126 2.66 -33.89 -2.84
CA LYS B 126 1.98 -35.18 -2.74
C LYS B 126 0.74 -35.25 -3.63
N ILE B 127 0.67 -36.29 -4.46
CA ILE B 127 -0.44 -36.49 -5.40
C ILE B 127 -1.09 -37.87 -5.30
N ASP B 128 -0.29 -38.93 -5.40
CA ASP B 128 -0.80 -40.32 -5.36
C ASP B 128 -1.91 -40.55 -6.38
N SER B 131 2.90 -40.44 -6.56
CA SER B 131 3.52 -40.38 -5.24
C SER B 131 3.86 -38.93 -4.86
N GLU B 132 4.95 -38.38 -5.39
CA GLU B 132 5.35 -37.00 -5.10
C GLU B 132 6.35 -36.43 -6.12
N LYS B 133 6.43 -35.10 -6.13
CA LYS B 133 7.35 -34.36 -7.00
C LYS B 133 7.92 -33.21 -6.17
N SER B 134 9.23 -32.96 -6.26
CA SER B 134 9.83 -31.89 -5.49
C SER B 134 10.88 -31.09 -6.26
N LYS B 135 11.08 -29.84 -5.82
CA LYS B 135 12.08 -28.96 -6.41
C LYS B 135 12.50 -27.93 -5.36
N ASP B 136 13.75 -27.50 -5.44
CA ASP B 136 14.30 -26.56 -4.47
C ASP B 136 14.31 -25.15 -4.99
N SER B 137 14.17 -24.20 -4.07
CA SER B 137 14.20 -22.78 -4.35
C SER B 137 14.89 -22.12 -3.17
N LYS B 138 15.06 -20.81 -3.24
CA LYS B 138 15.69 -20.07 -2.15
C LYS B 138 14.79 -18.96 -1.65
N PHE B 139 15.05 -18.51 -0.42
CA PHE B 139 14.28 -17.44 0.20
C PHE B 139 15.23 -16.54 0.99
N LYS B 140 15.16 -15.25 0.68
CA LYS B 140 16.03 -14.23 1.28
C LYS B 140 15.50 -13.71 2.62
N ILE B 141 16.23 -14.00 3.70
CA ILE B 141 15.88 -13.50 5.03
C ILE B 141 16.74 -12.25 5.26
N THR B 142 16.13 -11.13 5.68
CA THR B 142 16.89 -9.88 5.88
C THR B 142 16.75 -9.25 7.27
N LYS B 143 16.05 -9.92 8.18
CA LYS B 143 15.86 -9.40 9.54
C LYS B 143 16.36 -10.37 10.62
N GLU B 144 17.07 -9.82 11.61
CA GLU B 144 17.56 -10.60 12.75
C GLU B 144 16.39 -11.16 13.56
N GLU B 145 15.37 -10.31 13.77
CA GLU B 145 14.15 -10.71 14.45
C GLU B 145 13.01 -10.54 13.45
N ILE B 146 12.29 -11.62 13.18
CA ILE B 146 11.23 -11.58 12.17
C ILE B 146 9.91 -12.16 12.67
N SER B 147 8.81 -11.51 12.26
CA SER B 147 7.47 -11.93 12.67
C SER B 147 6.97 -13.11 11.86
N LEU B 148 6.09 -13.90 12.46
CA LEU B 148 5.50 -15.04 11.75
C LEU B 148 4.62 -14.50 10.64
N LYS B 149 4.04 -13.33 10.87
CA LYS B 149 3.20 -12.65 9.88
C LYS B 149 3.96 -12.52 8.57
N GLU B 150 5.17 -11.97 8.66
CA GLU B 150 6.00 -11.76 7.50
C GLU B 150 6.37 -13.06 6.82
N LEU B 151 6.86 -14.03 7.58
CA LEU B 151 7.22 -15.33 7.04
C LEU B 151 6.03 -15.94 6.34
N ASP B 152 4.92 -16.00 7.05
CA ASP B 152 3.68 -16.55 6.51
C ASP B 152 3.26 -15.89 5.20
N PHE B 153 3.15 -14.57 5.23
CA PHE B 153 2.66 -13.83 4.07
C PHE B 153 3.59 -13.90 2.86
N LYS B 154 4.90 -13.75 3.08
CA LYS B 154 5.86 -13.78 1.96
C LYS B 154 6.03 -15.16 1.33
N LEU B 155 6.03 -16.20 2.17
CA LEU B 155 6.13 -17.56 1.66
C LEU B 155 4.87 -17.95 0.91
N ARG B 156 3.69 -17.53 1.37
CA ARG B 156 2.47 -17.86 0.63
C ARG B 156 2.46 -17.11 -0.70
N LYS B 157 2.92 -15.87 -0.71
CA LYS B 157 2.95 -15.09 -1.95
C LYS B 157 3.89 -15.75 -2.96
N LYS B 158 5.04 -16.20 -2.49
CA LYS B 158 5.99 -16.92 -3.33
C LYS B 158 5.32 -18.14 -3.95
N LEU B 159 4.55 -18.85 -3.14
CA LEU B 159 3.85 -20.05 -3.57
C LEU B 159 2.69 -19.74 -4.52
N MET B 160 2.02 -18.61 -4.33
CA MET B 160 0.94 -18.21 -5.23
C MET B 160 1.51 -17.92 -6.61
N GLU B 161 2.67 -17.25 -6.62
CA GLU B 161 3.35 -16.88 -7.86
C GLU B 161 4.05 -18.04 -8.58
N GLU B 162 4.62 -18.98 -7.83
CA GLU B 162 5.40 -20.08 -8.42
C GLU B 162 4.77 -21.47 -8.41
N GLU B 163 3.94 -21.76 -7.39
CA GLU B 163 3.34 -23.08 -7.23
C GLU B 163 1.82 -23.10 -7.35
N LYS B 164 1.25 -22.07 -7.98
CA LYS B 164 -0.21 -21.97 -8.20
C LYS B 164 -1.07 -22.05 -6.92
N LEU B 165 -0.52 -21.59 -5.80
CA LEU B 165 -1.25 -21.61 -4.54
C LEU B 165 -2.47 -20.68 -4.65
N TYR B 166 -3.63 -21.25 -4.35
CA TYR B 166 -4.94 -20.55 -4.42
C TYR B 166 -5.29 -20.08 -5.83
N GLY B 167 -4.72 -20.71 -6.85
CA GLY B 167 -5.00 -20.36 -8.24
C GLY B 167 -6.28 -21.00 -8.74
N ALA B 168 -6.77 -21.99 -7.99
CA ALA B 168 -8.00 -22.71 -8.31
C ALA B 168 -8.57 -23.28 -7.00
N VAL B 169 -9.89 -23.47 -6.97
CA VAL B 169 -10.59 -23.96 -5.77
C VAL B 169 -9.92 -25.17 -5.12
N ASN B 170 -9.30 -26.03 -5.93
CA ASN B 170 -8.65 -27.24 -5.46
C ASN B 170 -7.21 -27.05 -4.94
N ASN B 171 -6.63 -25.85 -5.16
CA ASN B 171 -5.24 -25.57 -4.75
C ASN B 171 -5.09 -24.84 -3.41
N ARG B 172 -5.46 -25.51 -2.33
CA ARG B 172 -5.39 -24.91 -0.99
C ARG B 172 -4.85 -25.80 0.14
N LYS B 173 -4.65 -27.09 -0.12
CA LYS B 173 -4.19 -28.02 0.92
C LYS B 173 -2.67 -28.13 0.99
N GLY B 174 -2.15 -28.16 2.21
CA GLY B 174 -0.72 -28.29 2.44
C GLY B 174 -0.24 -27.50 3.64
N LYS B 175 1.07 -27.38 3.77
CA LYS B 175 1.63 -26.62 4.89
C LYS B 175 3.04 -26.11 4.63
N ILE B 176 3.39 -25.02 5.33
CA ILE B 176 4.70 -24.42 5.27
C ILE B 176 5.35 -24.64 6.62
N VAL B 177 6.55 -25.21 6.64
CA VAL B 177 7.28 -25.45 7.87
C VAL B 177 8.59 -24.67 7.88
N VAL B 178 8.74 -23.80 8.88
CA VAL B 178 9.96 -23.02 9.06
C VAL B 178 10.74 -23.76 10.15
N LYS B 179 11.85 -24.39 9.77
CA LYS B 179 12.64 -25.19 10.72
C LYS B 179 13.89 -24.45 11.24
N MET B 180 14.06 -24.46 12.56
CA MET B 180 15.19 -23.78 13.20
C MET B 180 16.39 -24.72 13.35
N GLU B 181 17.53 -24.16 13.73
CA GLU B 181 18.76 -24.94 13.89
C GLU B 181 18.65 -25.94 15.05
N ASP B 182 17.95 -25.56 16.11
CA ASP B 182 17.75 -26.45 17.26
C ASP B 182 16.56 -27.40 17.03
N ASP B 183 16.14 -27.51 15.78
CA ASP B 183 15.04 -28.38 15.35
C ASP B 183 13.63 -27.98 15.79
N LYS B 184 13.48 -26.84 16.45
CA LYS B 184 12.14 -26.36 16.74
C LYS B 184 11.61 -25.88 15.40
N PHE B 185 10.31 -25.93 15.22
CA PHE B 185 9.71 -25.52 13.96
C PHE B 185 8.37 -24.83 14.11
N TYR B 186 7.99 -24.08 13.09
CA TYR B 186 6.74 -23.36 13.05
C TYR B 186 5.99 -23.75 11.78
N THR B 187 4.70 -24.03 11.94
CA THR B 187 3.86 -24.51 10.85
C THR B 187 2.75 -23.54 10.46
N PHE B 188 2.53 -23.41 9.15
CA PHE B 188 1.43 -22.59 8.64
C PHE B 188 0.54 -23.50 7.78
N GLU B 189 -0.67 -23.78 8.25
CA GLU B 189 -1.61 -24.59 7.49
C GLU B 189 -2.12 -23.71 6.35
N LEU B 190 -2.01 -24.20 5.12
CA LEU B 190 -2.43 -23.45 3.94
C LEU B 190 -3.95 -23.38 3.76
N THR B 191 -4.69 -24.29 4.40
CA THR B 191 -6.16 -24.30 4.25
C THR B 191 -6.85 -23.18 5.01
N LYS B 192 -6.12 -22.44 5.84
CA LYS B 192 -6.72 -21.31 6.55
C LYS B 192 -5.69 -20.21 6.75
N LYS B 193 -6.18 -18.99 6.99
CA LYS B 193 -5.30 -17.85 7.21
C LYS B 193 -4.58 -17.96 8.55
N LEU B 194 -3.38 -17.40 8.63
CA LEU B 194 -2.61 -17.39 9.88
C LEU B 194 -3.45 -16.71 10.93
N GLN B 195 -3.53 -17.29 12.13
CA GLN B 195 -4.36 -16.72 13.18
C GLN B 195 -3.83 -15.34 13.61
N PRO B 196 -4.74 -14.38 13.82
CA PRO B 196 -4.32 -13.04 14.23
C PRO B 196 -3.43 -13.03 15.48
N HIS B 197 -3.74 -13.87 16.46
CA HIS B 197 -2.94 -13.91 17.70
C HIS B 197 -1.49 -14.39 17.46
N ARG B 198 -1.21 -14.98 16.30
CA ARG B 198 0.15 -15.42 15.96
C ARG B 198 0.92 -14.43 15.09
N MET B 199 0.25 -13.39 14.58
CA MET B 199 0.90 -12.41 13.70
C MET B 199 1.96 -11.57 14.40
N GLY B 200 1.81 -11.41 15.70
CA GLY B 200 2.77 -10.64 16.49
C GLY B 200 3.91 -11.46 17.05
N ASP B 201 3.87 -12.79 16.88
CA ASP B 201 4.95 -13.64 17.39
C ASP B 201 6.17 -13.49 16.47
N THR B 202 7.35 -13.48 17.06
CA THR B 202 8.57 -13.30 16.31
C THR B 202 9.53 -14.45 16.59
N ILE B 203 10.50 -14.65 15.70
CA ILE B 203 11.52 -15.66 15.89
C ILE B 203 12.87 -15.10 15.43
N ASP B 204 13.95 -15.79 15.78
CA ASP B 204 15.31 -15.36 15.44
C ASP B 204 15.64 -15.71 14.00
N GLY B 205 15.55 -14.71 13.13
CA GLY B 205 15.85 -14.90 11.71
C GLY B 205 17.22 -15.49 11.47
N THR B 206 18.18 -15.16 12.32
CA THR B 206 19.55 -15.68 12.18
C THR B 206 19.64 -17.19 12.46
N LYS B 207 18.58 -17.77 13.04
CA LYS B 207 18.57 -19.18 13.37
C LYS B 207 17.63 -20.03 12.52
N ILE B 208 17.06 -19.44 11.47
CA ILE B 208 16.19 -20.21 10.57
C ILE B 208 17.13 -21.07 9.73
N LYS B 209 16.95 -22.39 9.82
CA LYS B 209 17.79 -23.34 9.09
C LYS B 209 17.23 -23.60 7.71
N GLU B 210 15.97 -23.99 7.63
CA GLU B 210 15.36 -24.29 6.35
C GLU B 210 13.85 -24.21 6.37
N ILE B 211 13.26 -24.14 5.17
CA ILE B 211 11.82 -24.06 5.00
C ILE B 211 11.36 -25.24 4.13
N ASN B 212 10.41 -26.00 4.65
CA ASN B 212 9.86 -27.16 3.95
C ASN B 212 8.40 -26.92 3.65
N VAL B 213 8.03 -27.06 2.38
CA VAL B 213 6.66 -26.83 1.96
C VAL B 213 6.06 -28.07 1.33
N GLU B 214 4.88 -28.45 1.80
CA GLU B 214 4.14 -29.58 1.25
C GLU B 214 2.85 -29.08 0.63
N LEU B 215 2.67 -29.37 -0.66
CA LEU B 215 1.47 -28.99 -1.40
C LEU B 215 0.73 -30.28 -1.77
N GLU B 216 -0.55 -30.38 -1.42
CA GLU B 216 -1.35 -31.57 -1.70
C GLU B 216 -2.34 -31.35 -2.84
N TYR B 217 -1.87 -30.74 -3.92
CA TYR B 217 -2.70 -30.51 -5.10
C TYR B 217 -1.83 -30.62 -6.35
N LYS B 218 -2.46 -30.84 -7.49
CA LYS B 218 -1.73 -30.98 -8.75
C LYS B 218 -1.26 -29.62 -9.25
N HIS C 25 18.87 18.65 -0.34
CA HIS C 25 17.55 19.32 -0.20
C HIS C 25 16.46 18.42 -0.83
N ASN C 26 16.78 17.80 -1.97
N ASN C 26 16.79 17.81 -1.97
CA ASN C 26 15.84 16.88 -2.63
CA ASN C 26 15.87 16.89 -2.65
C ASN C 26 16.02 15.46 -2.09
C ASN C 26 16.05 15.46 -2.10
N TYR C 27 16.93 15.32 -1.12
CA TYR C 27 17.21 14.03 -0.48
C TYR C 27 15.94 13.41 0.12
N LYS C 28 15.13 14.23 0.75
CA LYS C 28 13.89 13.78 1.36
C LYS C 28 13.00 13.06 0.34
N SER C 29 12.87 13.63 -0.84
CA SER C 29 12.07 13.03 -1.91
C SER C 29 12.63 11.68 -2.38
N LEU C 30 13.95 11.61 -2.53
CA LEU C 30 14.60 10.37 -2.96
C LEU C 30 14.42 9.23 -1.97
N LYS C 31 14.74 9.52 -0.71
CA LYS C 31 14.62 8.54 0.36
C LYS C 31 13.19 8.01 0.46
N TYR C 32 12.23 8.95 0.51
CA TYR C 32 10.81 8.60 0.61
C TYR C 32 10.35 7.77 -0.59
N TYR C 33 10.61 8.27 -1.79
CA TYR C 33 10.18 7.57 -2.99
C TYR C 33 10.74 6.16 -3.08
N TYR C 34 12.05 6.02 -2.94
CA TYR C 34 12.67 4.70 -3.02
C TYR C 34 12.45 3.82 -1.76
N SER C 35 11.85 4.40 -0.72
CA SER C 35 11.49 3.65 0.48
C SER C 35 10.10 3.05 0.31
N LYS C 36 9.39 3.48 -0.73
CA LYS C 36 8.05 2.95 -1.00
C LYS C 36 8.11 1.46 -1.31
N PRO C 37 7.01 0.75 -1.04
CA PRO C 37 6.95 -0.66 -1.34
C PRO C 37 6.59 -0.83 -2.81
N SER C 38 7.00 -1.96 -3.40
CA SER C 38 6.68 -2.25 -4.78
C SER C 38 5.70 -3.41 -4.80
N ILE C 39 4.96 -3.53 -5.90
CA ILE C 39 3.99 -4.59 -6.07
C ILE C 39 4.21 -5.24 -7.44
N GLU C 40 4.56 -6.53 -7.46
CA GLU C 40 4.78 -7.25 -8.70
C GLU C 40 3.57 -8.07 -9.08
N LEU C 41 2.86 -7.61 -10.10
CA LEU C 41 1.68 -8.31 -10.58
C LEU C 41 2.03 -9.04 -11.87
N LYS C 42 2.40 -10.30 -11.72
CA LYS C 42 2.78 -11.16 -12.84
C LYS C 42 1.52 -11.82 -13.36
N ASN C 43 1.41 -11.95 -14.68
CA ASN C 43 0.24 -12.57 -15.31
C ASN C 43 -1.05 -11.86 -14.92
N LEU C 44 -1.13 -10.59 -15.26
CA LEU C 44 -2.31 -9.78 -14.96
C LEU C 44 -3.56 -10.48 -15.45
N ASP C 45 -4.65 -10.34 -14.69
CA ASP C 45 -5.92 -10.92 -15.10
C ASP C 45 -6.44 -10.14 -16.32
N GLY C 46 -5.84 -8.96 -16.55
CA GLY C 46 -6.17 -8.14 -17.70
C GLY C 46 -5.68 -6.70 -17.58
N LEU C 47 -5.43 -6.07 -18.72
CA LEU C 47 -5.08 -4.65 -18.76
C LEU C 47 -5.93 -4.09 -19.88
N TYR C 48 -6.47 -2.89 -19.67
CA TYR C 48 -7.42 -2.32 -20.60
C TYR C 48 -7.20 -0.85 -20.90
N ARG C 49 -7.09 -0.55 -22.19
CA ARG C 49 -6.99 0.80 -22.69
C ARG C 49 -8.44 1.10 -23.08
N GLN C 50 -9.16 1.81 -22.22
CA GLN C 50 -10.58 2.11 -22.49
C GLN C 50 -10.77 2.88 -23.79
N LYS C 51 -10.03 3.98 -23.90
CA LYS C 51 -10.06 4.81 -25.07
C LYS C 51 -8.68 5.38 -25.35
N VAL C 52 -8.40 5.68 -26.61
CA VAL C 52 -7.10 6.18 -27.05
C VAL C 52 -6.74 7.55 -26.46
N THR C 53 -7.75 8.27 -25.99
CA THR C 53 -7.53 9.57 -25.37
C THR C 53 -6.91 9.46 -23.98
N ASP C 54 -6.99 8.26 -23.38
CA ASP C 54 -6.42 8.00 -22.06
C ASP C 54 -4.90 7.81 -22.10
N LYS C 55 -4.19 8.55 -21.23
CA LYS C 55 -2.73 8.44 -21.11
C LYS C 55 -2.38 7.34 -20.10
N GLY C 56 -3.03 6.20 -20.23
CA GLY C 56 -2.80 5.09 -19.32
C GLY C 56 -3.79 3.96 -19.54
N VAL C 57 -3.61 2.88 -18.78
CA VAL C 57 -4.48 1.72 -18.88
C VAL C 57 -4.91 1.20 -17.51
N TYR C 58 -6.02 0.49 -17.50
CA TYR C 58 -6.54 -0.13 -16.30
C TYR C 58 -6.00 -1.54 -16.24
N VAL C 59 -5.40 -1.90 -15.12
CA VAL C 59 -4.86 -3.24 -14.97
C VAL C 59 -5.47 -3.83 -13.70
N TRP C 60 -5.62 -5.15 -13.64
CA TRP C 60 -6.18 -5.76 -12.44
C TRP C 60 -5.75 -7.21 -12.21
N LYS C 61 -5.71 -7.60 -10.95
CA LYS C 61 -5.38 -8.96 -10.56
C LYS C 61 -5.94 -9.26 -9.19
N ASP C 62 -6.62 -10.39 -9.06
CA ASP C 62 -7.21 -10.80 -7.79
C ASP C 62 -8.06 -9.68 -7.17
N ARG C 63 -9.00 -9.17 -7.98
CA ARG C 63 -9.94 -8.09 -7.60
C ARG C 63 -9.32 -6.75 -7.22
N LYS C 64 -8.04 -6.55 -7.49
CA LYS C 64 -7.43 -5.26 -7.20
C LYS C 64 -7.05 -4.62 -8.50
N ASP C 65 -7.61 -3.44 -8.74
CA ASP C 65 -7.35 -2.73 -9.99
C ASP C 65 -6.54 -1.46 -9.77
N TYR C 66 -5.83 -1.06 -10.81
CA TYR C 66 -4.98 0.12 -10.79
C TYR C 66 -5.00 0.83 -12.15
N PHE C 67 -4.73 2.14 -12.15
CA PHE C 67 -4.61 2.89 -13.39
C PHE C 67 -3.10 3.09 -13.58
N VAL C 68 -2.58 2.61 -14.70
CA VAL C 68 -1.15 2.69 -14.98
C VAL C 68 -0.88 3.68 -16.10
N GLY C 69 -0.16 4.74 -15.76
CA GLY C 69 0.16 5.81 -16.71
C GLY C 69 1.17 5.45 -17.78
N LEU C 70 0.85 5.84 -19.02
CA LEU C 70 1.70 5.61 -20.17
C LEU C 70 2.23 6.97 -20.58
N LEU C 71 3.34 7.37 -19.95
CA LEU C 71 3.94 8.70 -20.14
C LEU C 71 5.12 8.73 -21.13
N GLY C 72 5.43 7.61 -21.77
CA GLY C 72 6.53 7.56 -22.73
C GLY C 72 6.18 6.79 -24.00
N LYS C 73 7.20 6.16 -24.59
CA LYS C 73 7.02 5.38 -25.82
C LYS C 73 6.09 4.19 -25.60
N ASP C 74 5.96 3.76 -24.35
CA ASP C 74 5.11 2.60 -24.00
C ASP C 74 3.63 2.75 -24.40
N ILE C 75 3.17 3.99 -24.58
CA ILE C 75 1.78 4.24 -24.96
C ILE C 75 1.47 3.62 -26.33
N GLU C 76 2.49 3.50 -27.18
CA GLU C 76 2.35 2.94 -28.51
C GLU C 76 2.14 1.42 -28.51
N LYS C 77 2.55 0.75 -27.43
CA LYS C 77 2.42 -0.71 -27.32
C LYS C 77 1.04 -1.17 -26.86
N TYR C 78 0.21 -0.27 -26.37
CA TYR C 78 -1.12 -0.66 -25.87
C TYR C 78 -2.27 0.13 -26.51
N PRO C 79 -2.61 -0.20 -27.76
CA PRO C 79 -3.75 0.45 -28.40
C PRO C 79 -5.07 0.13 -27.68
N GLN C 80 -6.14 0.82 -28.07
CA GLN C 80 -7.46 0.65 -27.46
C GLN C 80 -7.86 -0.83 -27.43
N GLY C 81 -8.34 -1.29 -26.27
CA GLY C 81 -8.78 -2.68 -26.11
C GLY C 81 -8.06 -3.42 -24.99
N GLU C 82 -8.37 -4.71 -24.86
CA GLU C 82 -7.76 -5.55 -23.84
C GLU C 82 -6.50 -6.23 -24.37
N HIS C 83 -5.55 -6.44 -23.49
CA HIS C 83 -4.28 -7.10 -23.83
C HIS C 83 -4.00 -8.12 -22.75
N ASP C 84 -3.58 -9.31 -23.16
CA ASP C 84 -3.31 -10.39 -22.20
C ASP C 84 -1.82 -10.74 -22.15
N LYS C 85 -1.47 -11.60 -21.19
CA LYS C 85 -0.10 -12.04 -20.98
C LYS C 85 0.86 -10.87 -20.78
N GLN C 86 0.55 -10.05 -19.78
CA GLN C 86 1.34 -8.89 -19.41
C GLN C 86 1.65 -8.93 -17.93
N ASP C 87 2.81 -8.39 -17.57
CA ASP C 87 3.21 -8.25 -16.17
C ASP C 87 3.21 -6.74 -15.87
N ALA C 88 3.01 -6.40 -14.60
CA ALA C 88 3.00 -5.01 -14.18
C ALA C 88 3.84 -4.82 -12.92
N PHE C 89 4.84 -3.94 -13.01
CA PHE C 89 5.66 -3.64 -11.85
C PHE C 89 5.12 -2.33 -11.31
N LEU C 90 4.51 -2.38 -10.13
CA LEU C 90 3.84 -1.20 -9.57
C LEU C 90 4.51 -0.53 -8.37
N VAL C 91 4.49 0.79 -8.40
CA VAL C 91 4.96 1.65 -7.31
C VAL C 91 3.85 2.69 -7.25
N ILE C 92 3.08 2.65 -6.17
CA ILE C 92 1.92 3.52 -6.02
C ILE C 92 2.31 4.96 -5.75
N GLU C 93 1.96 5.85 -6.67
CA GLU C 93 2.25 7.26 -6.56
C GLU C 93 1.28 7.88 -5.56
N GLU C 94 1.47 9.17 -5.26
CA GLU C 94 0.61 9.88 -4.32
C GLU C 94 -0.73 10.25 -4.91
N GLU C 95 -0.76 10.42 -6.23
CA GLU C 95 -1.97 10.83 -6.91
C GLU C 95 -2.94 9.68 -7.11
N THR C 96 -4.23 9.98 -7.00
CA THR C 96 -5.24 9.01 -7.34
C THR C 96 -5.62 9.48 -8.73
N VAL C 97 -5.69 8.56 -9.68
CA VAL C 97 -6.05 8.89 -11.06
C VAL C 97 -7.28 8.09 -11.44
N ASN C 98 -8.28 8.77 -12.01
CA ASN C 98 -9.54 8.14 -12.40
C ASN C 98 -10.15 7.30 -11.27
N GLY C 99 -10.00 7.80 -10.05
CA GLY C 99 -10.54 7.13 -8.87
C GLY C 99 -9.80 5.90 -8.40
N ARG C 100 -8.63 5.64 -8.97
CA ARG C 100 -7.87 4.45 -8.61
C ARG C 100 -6.45 4.75 -8.19
N GLN C 101 -5.81 3.76 -7.56
CA GLN C 101 -4.41 3.88 -7.19
C GLN C 101 -3.63 3.96 -8.50
N TYR C 102 -2.58 4.77 -8.52
CA TYR C 102 -1.84 5.04 -9.74
C TYR C 102 -0.37 4.68 -9.69
N SER C 103 0.14 4.17 -10.80
CA SER C 103 1.55 3.85 -10.97
C SER C 103 1.88 4.24 -12.40
N ILE C 104 3.17 4.46 -12.67
CA ILE C 104 3.63 4.91 -13.98
C ILE C 104 4.57 3.91 -14.66
N GLY C 105 4.21 3.47 -15.86
CA GLY C 105 5.02 2.53 -16.62
C GLY C 105 5.10 1.18 -15.91
N GLY C 106 6.26 0.54 -16.03
CA GLY C 106 6.46 -0.75 -15.39
C GLY C 106 5.75 -1.94 -16.01
N LEU C 107 5.15 -1.73 -17.17
CA LEU C 107 4.43 -2.81 -17.87
C LEU C 107 5.37 -3.54 -18.84
N SER C 108 5.09 -4.81 -19.09
CA SER C 108 5.90 -5.61 -20.00
C SER C 108 5.22 -6.94 -20.33
N LYS C 109 5.69 -7.59 -21.40
CA LYS C 109 5.15 -8.89 -21.82
C LYS C 109 5.55 -9.95 -20.82
N THR C 110 4.67 -10.92 -20.57
CA THR C 110 4.95 -11.97 -19.60
C THR C 110 5.88 -13.03 -20.21
N ASN C 111 6.53 -13.79 -19.34
CA ASN C 111 7.44 -14.85 -19.76
C ASN C 111 6.74 -15.98 -20.52
N SER C 112 7.32 -16.38 -21.65
CA SER C 112 6.80 -17.49 -22.43
C SER C 112 7.22 -18.77 -21.74
N LYS C 113 8.49 -18.79 -21.33
CA LYS C 113 9.08 -19.95 -20.65
C LYS C 113 9.83 -19.53 -19.40
N GLU C 114 10.23 -20.50 -18.58
CA GLU C 114 10.96 -20.22 -17.35
C GLU C 114 12.29 -19.56 -17.66
N PHE C 115 12.75 -18.72 -16.73
CA PHE C 115 14.01 -18.00 -16.92
C PHE C 115 14.56 -17.47 -15.60
N SER C 116 15.83 -17.77 -15.34
CA SER C 116 16.52 -17.34 -14.12
C SER C 116 18.00 -17.11 -14.38
N LYS C 117 18.33 -15.92 -14.89
CA LYS C 117 19.71 -15.58 -15.23
C LYS C 117 20.33 -14.64 -14.20
N GLU C 118 21.42 -15.10 -13.59
CA GLU C 118 22.15 -14.31 -12.60
C GLU C 118 23.17 -13.44 -13.30
N VAL C 119 23.41 -12.24 -12.77
CA VAL C 119 24.38 -11.30 -13.34
C VAL C 119 25.10 -10.57 -12.20
N ASP C 120 26.35 -10.20 -12.44
CA ASP C 120 27.16 -9.53 -11.43
C ASP C 120 26.88 -8.03 -11.33
N VAL C 121 26.89 -7.52 -10.10
CA VAL C 121 26.69 -6.11 -9.82
C VAL C 121 27.98 -5.60 -9.19
N LYS C 122 28.67 -4.68 -9.86
CA LYS C 122 29.94 -4.14 -9.36
C LYS C 122 29.75 -2.75 -8.77
N VAL C 123 30.17 -2.56 -7.52
CA VAL C 123 30.03 -1.28 -6.84
C VAL C 123 31.39 -0.64 -6.61
N THR C 124 31.59 0.56 -7.14
CA THR C 124 32.85 1.28 -7.00
C THR C 124 32.62 2.60 -6.27
N ARG C 125 33.57 2.98 -5.40
CA ARG C 125 33.47 4.23 -4.64
C ARG C 125 34.63 5.21 -4.92
N LYS C 126 34.53 6.39 -4.32
CA LYS C 126 35.55 7.44 -4.44
C LYS C 126 35.94 7.99 -3.07
N SER C 134 35.25 -2.54 -3.86
CA SER C 134 34.79 -3.09 -5.13
C SER C 134 33.86 -4.29 -4.90
N LYS C 135 32.84 -4.11 -4.05
CA LYS C 135 31.91 -5.21 -3.76
C LYS C 135 31.28 -5.76 -5.03
N ASP C 136 31.36 -7.08 -5.19
CA ASP C 136 30.78 -7.77 -6.33
C ASP C 136 29.65 -8.64 -5.76
N SER C 137 28.52 -8.67 -6.47
CA SER C 137 27.37 -9.45 -6.00
C SER C 137 26.51 -9.92 -7.16
N LYS C 138 25.76 -10.99 -6.94
CA LYS C 138 24.90 -11.57 -7.97
C LYS C 138 23.46 -11.06 -7.87
N PHE C 139 22.94 -10.55 -8.97
CA PHE C 139 21.56 -10.04 -9.06
C PHE C 139 20.77 -10.99 -9.98
N LYS C 140 19.63 -11.47 -9.49
CA LYS C 140 18.79 -12.42 -10.24
C LYS C 140 17.82 -11.70 -11.18
N ILE C 141 17.55 -12.33 -12.33
CA ILE C 141 16.62 -11.78 -13.33
C ILE C 141 15.67 -12.89 -13.78
N THR C 142 14.39 -12.76 -13.43
CA THR C 142 13.38 -13.77 -13.78
C THR C 142 12.46 -13.39 -14.95
N LYS C 143 12.64 -12.19 -15.50
CA LYS C 143 11.79 -11.72 -16.61
C LYS C 143 12.54 -11.56 -17.94
N GLU C 144 11.93 -12.09 -19.00
CA GLU C 144 12.48 -12.02 -20.35
C GLU C 144 12.50 -10.59 -20.87
N GLU C 145 11.46 -9.83 -20.54
CA GLU C 145 11.35 -8.42 -20.90
C GLU C 145 11.10 -7.67 -19.61
N ILE C 146 12.03 -6.80 -19.24
CA ILE C 146 11.93 -6.06 -17.99
C ILE C 146 11.97 -4.55 -18.23
N SER C 147 11.17 -3.83 -17.42
CA SER C 147 11.08 -2.38 -17.52
C SER C 147 12.21 -1.70 -16.75
N LEU C 148 12.58 -0.51 -17.21
CA LEU C 148 13.62 0.27 -16.54
C LEU C 148 13.12 0.67 -15.16
N LYS C 149 11.79 0.79 -15.02
CA LYS C 149 11.19 1.11 -13.73
C LYS C 149 11.58 0.05 -12.73
N GLU C 150 11.39 -1.22 -13.12
CA GLU C 150 11.70 -2.36 -12.24
C GLU C 150 13.20 -2.44 -11.94
N LEU C 151 14.03 -2.30 -12.96
CA LEU C 151 15.48 -2.33 -12.78
C LEU C 151 15.93 -1.23 -11.86
N ASP C 152 15.45 -0.01 -12.13
CA ASP C 152 15.78 1.15 -11.34
C ASP C 152 15.41 0.97 -9.87
N PHE C 153 14.14 0.65 -9.63
CA PHE C 153 13.62 0.55 -8.29
C PHE C 153 14.30 -0.56 -7.46
N LYS C 154 14.39 -1.77 -8.03
CA LYS C 154 15.02 -2.88 -7.31
C LYS C 154 16.50 -2.62 -7.02
N LEU C 155 17.21 -2.10 -8.01
CA LEU C 155 18.65 -1.86 -7.84
C LEU C 155 18.94 -0.81 -6.77
N ARG C 156 18.15 0.27 -6.72
CA ARG C 156 18.39 1.29 -5.69
C ARG C 156 18.04 0.78 -4.29
N LYS C 157 16.96 0.01 -4.19
CA LYS C 157 16.55 -0.53 -2.91
C LYS C 157 17.62 -1.48 -2.38
N LYS C 158 18.32 -2.14 -3.30
CA LYS C 158 19.40 -3.06 -2.94
C LYS C 158 20.57 -2.24 -2.42
N LEU C 159 20.82 -1.10 -3.07
CA LEU C 159 21.90 -0.20 -2.68
C LEU C 159 21.56 0.52 -1.39
N MET C 160 20.27 0.73 -1.13
CA MET C 160 19.84 1.36 0.13
C MET C 160 20.14 0.45 1.33
N GLU C 161 20.02 -0.86 1.14
CA GLU C 161 20.24 -1.83 2.23
C GLU C 161 21.70 -2.29 2.37
N GLU C 162 22.45 -2.27 1.28
CA GLU C 162 23.83 -2.75 1.30
C GLU C 162 24.92 -1.68 1.18
N GLU C 163 24.57 -0.50 0.71
CA GLU C 163 25.58 0.55 0.52
C GLU C 163 25.16 1.89 1.10
N LYS C 164 24.25 1.86 2.07
CA LYS C 164 23.74 3.08 2.73
C LYS C 164 23.23 4.15 1.76
N LEU C 165 22.71 3.75 0.61
CA LEU C 165 22.18 4.71 -0.36
C LEU C 165 21.01 5.44 0.29
N TYR C 166 21.04 6.77 0.23
CA TYR C 166 20.02 7.65 0.82
C TYR C 166 19.84 7.43 2.33
N GLY C 167 20.86 6.89 2.99
CA GLY C 167 20.82 6.64 4.43
C GLY C 167 21.28 7.85 5.23
N ALA C 168 21.83 8.82 4.50
CA ALA C 168 22.29 10.08 5.09
C ALA C 168 22.17 11.12 4.00
N VAL C 169 22.10 12.38 4.40
CA VAL C 169 21.96 13.50 3.45
C VAL C 169 23.00 13.45 2.33
N ASN C 170 24.26 13.20 2.68
CA ASN C 170 25.35 13.16 1.70
C ASN C 170 25.59 11.77 1.09
N ASN C 171 24.52 10.98 0.93
CA ASN C 171 24.62 9.65 0.34
C ASN C 171 23.67 9.54 -0.84
N ARG C 172 23.89 10.38 -1.84
CA ARG C 172 23.03 10.42 -3.02
C ARG C 172 23.75 10.47 -4.37
N LYS C 173 25.02 10.87 -4.37
CA LYS C 173 25.78 10.94 -5.63
C LYS C 173 26.14 9.57 -6.17
N GLY C 174 26.19 9.46 -7.49
CA GLY C 174 26.56 8.20 -8.15
C GLY C 174 25.65 7.83 -9.29
N LYS C 175 25.90 6.68 -9.89
CA LYS C 175 25.06 6.19 -10.99
C LYS C 175 25.09 4.67 -11.11
N ILE C 176 23.98 4.13 -11.65
CA ILE C 176 23.83 2.71 -11.91
C ILE C 176 23.85 2.55 -13.41
N VAL C 177 24.76 1.74 -13.93
CA VAL C 177 24.87 1.53 -15.38
C VAL C 177 24.55 0.07 -15.74
N VAL C 178 23.45 -0.11 -16.48
CA VAL C 178 23.04 -1.44 -16.93
C VAL C 178 23.60 -1.66 -18.34
N LYS C 179 24.59 -2.53 -18.45
CA LYS C 179 25.23 -2.82 -19.74
C LYS C 179 24.64 -4.07 -20.40
N MET C 180 24.44 -4.00 -21.71
CA MET C 180 23.89 -5.12 -22.47
C MET C 180 25.03 -5.81 -23.20
N GLU C 181 24.77 -7.03 -23.67
CA GLU C 181 25.78 -7.82 -24.37
C GLU C 181 26.36 -7.11 -25.59
N ASP C 182 25.54 -6.31 -26.27
CA ASP C 182 26.00 -5.58 -27.46
C ASP C 182 26.60 -4.20 -27.12
N ASP C 183 27.17 -4.09 -25.92
CA ASP C 183 27.81 -2.84 -25.45
C ASP C 183 26.87 -1.64 -25.26
N LYS C 184 25.57 -1.83 -25.50
CA LYS C 184 24.61 -0.74 -25.32
C LYS C 184 24.23 -0.69 -23.84
N PHE C 185 24.10 0.52 -23.29
CA PHE C 185 23.81 0.67 -21.87
C PHE C 185 22.68 1.65 -21.53
N TYR C 186 22.18 1.53 -20.30
CA TYR C 186 21.12 2.37 -19.77
C TYR C 186 21.57 2.84 -18.39
N THR C 187 21.47 4.15 -18.13
CA THR C 187 21.96 4.71 -16.87
C THR C 187 20.91 5.41 -16.02
N PHE C 188 21.13 5.39 -14.70
CA PHE C 188 20.23 6.02 -13.74
C PHE C 188 21.03 6.94 -12.81
N GLU C 189 20.76 8.24 -12.86
CA GLU C 189 21.44 9.19 -11.98
C GLU C 189 20.85 9.04 -10.59
N LEU C 190 21.70 8.78 -9.60
CA LEU C 190 21.21 8.56 -8.24
C LEU C 190 20.83 9.86 -7.53
N THR C 191 21.25 10.99 -8.11
CA THR C 191 20.96 12.30 -7.55
C THR C 191 19.51 12.73 -7.78
N LYS C 192 18.80 11.99 -8.63
CA LYS C 192 17.39 12.28 -8.89
C LYS C 192 16.58 11.03 -9.22
N LYS C 193 15.26 11.19 -9.22
CA LYS C 193 14.38 10.07 -9.53
C LYS C 193 14.47 9.71 -11.00
N LEU C 194 14.08 8.49 -11.32
CA LEU C 194 14.03 8.07 -12.70
C LEU C 194 12.94 8.93 -13.33
N GLN C 195 13.19 9.44 -14.54
CA GLN C 195 12.22 10.30 -15.21
C GLN C 195 10.98 9.47 -15.61
N PRO C 196 9.78 10.00 -15.34
CA PRO C 196 8.53 9.33 -15.69
C PRO C 196 8.46 8.78 -17.11
N HIS C 197 8.89 9.56 -18.10
CA HIS C 197 8.83 9.11 -19.50
C HIS C 197 9.75 7.92 -19.82
N ARG C 198 10.61 7.55 -18.88
CA ARG C 198 11.52 6.42 -19.06
C ARG C 198 11.06 5.14 -18.37
N MET C 199 10.06 5.25 -17.51
CA MET C 199 9.58 4.11 -16.72
C MET C 199 8.96 2.96 -17.52
N GLY C 200 8.45 3.27 -18.71
CA GLY C 200 7.80 2.27 -19.55
C GLY C 200 8.72 1.61 -20.56
N ASP C 201 9.91 2.17 -20.74
CA ASP C 201 10.88 1.60 -21.66
C ASP C 201 11.27 0.23 -21.13
N THR C 202 11.32 -0.74 -22.04
CA THR C 202 11.66 -2.11 -21.70
C THR C 202 12.90 -2.52 -22.46
N ILE C 203 13.62 -3.47 -21.89
CA ILE C 203 14.82 -4.00 -22.51
C ILE C 203 14.80 -5.51 -22.32
N ASP C 204 15.40 -6.22 -23.27
CA ASP C 204 15.45 -7.67 -23.22
C ASP C 204 16.26 -8.12 -22.00
N GLY C 205 15.56 -8.72 -21.03
CA GLY C 205 16.18 -9.21 -19.81
C GLY C 205 17.21 -10.30 -20.03
N THR C 206 17.04 -11.08 -21.11
CA THR C 206 17.98 -12.17 -21.41
C THR C 206 19.33 -11.69 -21.92
N LYS C 207 19.36 -10.50 -22.53
CA LYS C 207 20.61 -9.93 -23.05
C LYS C 207 21.27 -8.95 -22.09
N ILE C 208 20.96 -9.05 -20.79
CA ILE C 208 21.58 -8.20 -19.80
C ILE C 208 22.98 -8.74 -19.51
N LYS C 209 23.99 -7.94 -19.84
CA LYS C 209 25.39 -8.33 -19.66
C LYS C 209 25.87 -8.12 -18.24
N GLU C 210 25.90 -6.88 -17.79
CA GLU C 210 26.42 -6.56 -16.46
C GLU C 210 25.89 -5.22 -15.92
N ILE C 211 25.88 -5.09 -14.59
CA ILE C 211 25.44 -3.87 -13.92
C ILE C 211 26.64 -3.24 -13.20
N ASN C 212 26.96 -1.99 -13.55
CA ASN C 212 28.09 -1.27 -12.95
C ASN C 212 27.60 -0.05 -12.17
N VAL C 213 27.84 -0.05 -10.86
CA VAL C 213 27.40 1.05 -9.99
C VAL C 213 28.58 1.87 -9.47
N GLU C 214 28.42 3.19 -9.51
CA GLU C 214 29.44 4.09 -8.96
C GLU C 214 28.82 4.93 -7.87
N LEU C 215 29.44 4.89 -6.69
CA LEU C 215 28.99 5.66 -5.54
C LEU C 215 30.05 6.71 -5.24
N GLU C 216 29.64 7.97 -5.09
CA GLU C 216 30.58 9.06 -4.82
C GLU C 216 30.42 9.58 -3.40
N TYR C 217 30.42 8.66 -2.44
CA TYR C 217 30.31 9.03 -1.02
C TYR C 217 30.93 7.95 -0.13
N LYS C 218 31.45 8.36 1.03
CA LYS C 218 32.08 7.44 1.97
C LYS C 218 31.11 6.38 2.46
N HIS D 25 -5.47 8.14 -37.41
CA HIS D 25 -5.33 8.28 -35.94
C HIS D 25 -4.50 9.50 -35.57
N ASN D 26 -3.23 9.50 -35.97
CA ASN D 26 -2.30 10.58 -35.63
C ASN D 26 -2.83 11.99 -35.86
N TYR D 27 -3.28 12.31 -37.07
CA TYR D 27 -3.76 13.68 -37.32
C TYR D 27 -5.09 13.91 -36.63
N LYS D 28 -5.90 12.85 -36.52
CA LYS D 28 -7.22 12.95 -35.90
C LYS D 28 -6.97 13.21 -34.41
N SER D 29 -6.03 12.47 -33.85
CA SER D 29 -5.64 12.60 -32.45
C SER D 29 -5.07 13.99 -32.14
N LEU D 30 -4.15 14.45 -32.98
CA LEU D 30 -3.54 15.79 -32.83
C LEU D 30 -4.62 16.85 -32.99
N LYS D 31 -5.53 16.63 -33.93
CA LYS D 31 -6.65 17.53 -34.19
C LYS D 31 -7.52 17.66 -32.94
N TYR D 32 -7.82 16.53 -32.30
N TYR D 32 -7.80 16.53 -32.31
CA TYR D 32 -8.67 16.55 -31.11
CA TYR D 32 -8.63 16.49 -31.12
C TYR D 32 -7.99 17.20 -29.91
C TYR D 32 -7.99 17.19 -29.93
N TYR D 33 -6.73 16.86 -29.66
CA TYR D 33 -6.00 17.45 -28.54
C TYR D 33 -5.82 18.96 -28.66
N TYR D 34 -5.31 19.42 -29.81
CA TYR D 34 -5.04 20.84 -30.01
C TYR D 34 -6.27 21.71 -30.33
N SER D 35 -7.45 21.10 -30.43
CA SER D 35 -8.67 21.86 -30.62
C SER D 35 -9.41 21.93 -29.28
N LYS D 36 -8.78 21.41 -28.23
CA LYS D 36 -9.33 21.50 -26.88
C LYS D 36 -9.35 22.95 -26.42
N PRO D 37 -10.27 23.28 -25.50
CA PRO D 37 -10.27 24.63 -24.97
C PRO D 37 -9.10 24.77 -24.02
N SER D 38 -8.62 25.99 -23.88
CA SER D 38 -7.54 26.28 -22.95
C SER D 38 -8.09 27.29 -21.95
N ILE D 39 -7.42 27.42 -20.81
CA ILE D 39 -7.82 28.34 -19.75
C ILE D 39 -6.60 29.11 -19.24
N GLU D 40 -6.64 30.43 -19.31
CA GLU D 40 -5.56 31.26 -18.82
C GLU D 40 -5.93 31.84 -17.46
N LEU D 41 -5.22 31.40 -16.42
CA LEU D 41 -5.45 31.89 -15.09
C LEU D 41 -4.25 32.75 -14.73
N LYS D 42 -4.44 34.07 -14.71
CA LYS D 42 -3.37 34.99 -14.34
C LYS D 42 -3.49 35.33 -12.86
N ASN D 43 -2.34 35.28 -12.16
CA ASN D 43 -2.28 35.54 -10.72
C ASN D 43 -3.24 34.63 -9.96
N LEU D 44 -2.80 33.39 -9.76
CA LEU D 44 -3.59 32.39 -9.06
C LEU D 44 -3.81 32.78 -7.59
N ASP D 45 -5.01 32.49 -7.09
CA ASP D 45 -5.31 32.73 -5.70
C ASP D 45 -4.49 31.76 -4.84
N GLY D 46 -4.14 30.61 -5.40
CA GLY D 46 -3.35 29.62 -4.68
C GLY D 46 -2.65 28.60 -5.56
N LEU D 47 -1.50 28.15 -5.08
CA LEU D 47 -0.68 27.15 -5.74
C LEU D 47 0.03 26.46 -4.59
N TYR D 48 -0.38 25.23 -4.29
CA TYR D 48 0.12 24.48 -3.14
C TYR D 48 0.66 23.08 -3.47
N ARG D 49 1.90 22.84 -3.06
CA ARG D 49 2.57 21.57 -3.21
C ARG D 49 2.41 20.92 -1.85
N GLN D 50 1.47 19.98 -1.73
CA GLN D 50 1.15 19.35 -0.44
C GLN D 50 2.26 18.48 0.15
N LYS D 51 2.76 17.53 -0.64
CA LYS D 51 3.80 16.60 -0.19
C LYS D 51 5.01 16.66 -1.12
N VAL D 52 6.19 16.37 -0.57
CA VAL D 52 7.42 16.36 -1.36
C VAL D 52 7.37 15.18 -2.34
N THR D 53 6.54 14.18 -2.01
CA THR D 53 6.37 12.98 -2.84
C THR D 53 5.34 13.15 -3.98
N ASP D 54 4.53 14.22 -3.94
CA ASP D 54 3.56 14.51 -5.01
C ASP D 54 4.26 14.87 -6.33
N LYS D 55 3.57 14.67 -7.45
CA LYS D 55 4.09 15.05 -8.77
C LYS D 55 3.14 16.09 -9.35
N GLY D 56 2.75 17.04 -8.52
CA GLY D 56 1.84 18.10 -8.93
C GLY D 56 1.49 19.05 -7.81
N VAL D 57 0.70 20.07 -8.13
CA VAL D 57 0.29 21.08 -7.18
C VAL D 57 -1.20 21.44 -7.31
N TYR D 58 -1.84 21.75 -6.20
CA TYR D 58 -3.26 22.14 -6.24
C TYR D 58 -3.28 23.63 -6.55
N VAL D 59 -4.02 24.02 -7.58
CA VAL D 59 -4.12 25.44 -7.94
C VAL D 59 -5.58 25.85 -7.97
N TRP D 60 -5.82 27.11 -7.66
CA TRP D 60 -7.17 27.62 -7.69
C TRP D 60 -7.18 29.11 -7.98
N LYS D 61 -8.31 29.55 -8.51
CA LYS D 61 -8.50 30.93 -8.91
C LYS D 61 -9.99 31.13 -8.98
N ASP D 62 -10.49 32.18 -8.33
CA ASP D 62 -11.90 32.52 -8.38
C ASP D 62 -12.81 31.32 -8.10
N ARG D 63 -12.53 30.64 -6.99
CA ARG D 63 -13.29 29.47 -6.52
C ARG D 63 -13.24 28.22 -7.40
N LYS D 64 -12.44 28.23 -8.45
CA LYS D 64 -12.27 27.06 -9.31
C LYS D 64 -10.89 26.49 -9.03
N ASP D 65 -10.81 25.21 -8.69
CA ASP D 65 -9.54 24.56 -8.43
C ASP D 65 -9.24 23.46 -9.45
N TYR D 66 -7.95 23.10 -9.53
CA TYR D 66 -7.47 22.09 -10.44
C TYR D 66 -6.22 21.46 -9.84
N PHE D 67 -5.71 20.41 -10.47
CA PHE D 67 -4.46 19.81 -10.05
C PHE D 67 -3.57 19.85 -11.27
N VAL D 68 -2.36 20.41 -11.09
CA VAL D 68 -1.42 20.56 -12.18
C VAL D 68 -0.19 19.67 -12.01
N GLY D 69 0.03 18.81 -13.01
CA GLY D 69 1.14 17.87 -12.98
C GLY D 69 2.48 18.50 -13.29
N LEU D 70 3.49 18.11 -12.49
CA LEU D 70 4.85 18.57 -12.66
C LEU D 70 5.64 17.32 -13.06
N LEU D 71 5.78 17.14 -14.38
CA LEU D 71 6.43 15.96 -14.95
C LEU D 71 7.80 16.23 -15.61
N GLY D 72 8.32 17.43 -15.44
CA GLY D 72 9.64 17.81 -15.99
C GLY D 72 10.43 18.52 -14.93
N LYS D 73 11.32 19.42 -15.34
CA LYS D 73 12.13 20.21 -14.38
C LYS D 73 11.31 21.12 -13.49
N ASP D 74 10.11 21.48 -13.94
CA ASP D 74 9.22 22.36 -13.17
C ASP D 74 8.99 21.86 -11.74
N ILE D 75 9.01 20.54 -11.54
CA ILE D 75 8.81 19.95 -10.22
C ILE D 75 9.84 20.48 -9.21
N GLU D 76 11.00 20.90 -9.71
CA GLU D 76 12.06 21.45 -8.87
C GLU D 76 11.78 22.91 -8.50
N LYS D 77 10.90 23.57 -9.26
CA LYS D 77 10.57 24.97 -8.98
C LYS D 77 9.48 25.18 -7.94
N TYR D 78 8.76 24.11 -7.59
CA TYR D 78 7.67 24.20 -6.60
C TYR D 78 7.78 23.18 -5.46
N PRO D 79 8.69 23.42 -4.50
CA PRO D 79 8.84 22.54 -3.33
C PRO D 79 7.62 22.60 -2.40
N GLN D 80 7.58 21.72 -1.40
CA GLN D 80 6.46 21.64 -0.46
C GLN D 80 6.09 23.03 0.07
N GLY D 81 4.80 23.30 0.13
CA GLY D 81 4.29 24.58 0.62
C GLY D 81 3.53 25.38 -0.42
N GLU D 82 3.15 26.60 -0.04
CA GLU D 82 2.40 27.53 -0.88
C GLU D 82 3.30 28.45 -1.68
N HIS D 83 2.86 28.79 -2.88
CA HIS D 83 3.61 29.70 -3.76
C HIS D 83 2.66 30.77 -4.29
N ASP D 84 3.15 32.00 -4.39
CA ASP D 84 2.36 33.16 -4.84
C ASP D 84 2.95 33.80 -6.10
N LYS D 85 2.23 34.77 -6.66
CA LYS D 85 2.65 35.51 -7.88
C LYS D 85 2.88 34.56 -9.05
N GLN D 86 1.95 33.62 -9.25
CA GLN D 86 2.12 32.60 -10.28
C GLN D 86 0.92 32.57 -11.27
N ASP D 87 1.20 32.20 -12.52
CA ASP D 87 0.17 32.05 -13.59
C ASP D 87 0.01 30.57 -13.98
N ALA D 88 -1.11 30.27 -14.62
CA ALA D 88 -1.38 28.90 -15.08
C ALA D 88 -2.09 28.87 -16.44
N PHE D 89 -1.50 28.16 -17.39
CA PHE D 89 -2.11 27.95 -18.70
C PHE D 89 -2.54 26.50 -18.64
N LEU D 90 -3.85 26.28 -18.67
CA LEU D 90 -4.41 24.94 -18.52
C LEU D 90 -5.10 24.39 -19.77
N VAL D 91 -4.92 23.09 -19.96
CA VAL D 91 -5.58 22.33 -20.99
C VAL D 91 -6.05 21.09 -20.22
N ILE D 92 -7.36 21.00 -20.01
CA ILE D 92 -7.92 19.91 -19.22
C ILE D 92 -7.74 18.54 -19.86
N GLU D 93 -6.91 17.72 -19.24
CA GLU D 93 -6.62 16.36 -19.72
C GLU D 93 -7.81 15.42 -19.51
N GLU D 94 -7.73 14.26 -20.11
CA GLU D 94 -8.80 13.29 -20.02
C GLU D 94 -8.87 12.65 -18.62
N GLU D 95 -7.72 12.53 -17.96
CA GLU D 95 -7.65 11.94 -16.62
C GLU D 95 -8.13 12.86 -15.51
N THR D 96 -8.76 12.27 -14.51
CA THR D 96 -9.16 12.95 -13.30
C THR D 96 -8.03 12.63 -12.34
N VAL D 97 -7.51 13.63 -11.63
CA VAL D 97 -6.44 13.40 -10.66
C VAL D 97 -6.82 14.04 -9.34
N ASN D 98 -6.81 13.25 -8.27
CA ASN D 98 -7.19 13.70 -6.93
C ASN D 98 -8.58 14.32 -6.90
N GLY D 99 -9.50 13.71 -7.67
CA GLY D 99 -10.89 14.16 -7.76
C GLY D 99 -11.07 15.50 -8.45
N ARG D 100 -10.05 15.96 -9.18
CA ARG D 100 -10.10 17.25 -9.83
C ARG D 100 -9.77 17.18 -11.31
N GLN D 101 -10.05 18.28 -12.02
CA GLN D 101 -9.70 18.40 -13.41
C GLN D 101 -8.19 18.54 -13.41
N TYR D 102 -7.54 17.91 -14.39
CA TYR D 102 -6.08 17.84 -14.47
C TYR D 102 -5.51 18.48 -15.72
N SER D 103 -4.36 19.15 -15.54
CA SER D 103 -3.63 19.76 -16.62
C SER D 103 -2.16 19.52 -16.30
N ILE D 104 -1.31 19.53 -17.32
CA ILE D 104 0.11 19.25 -17.14
C ILE D 104 1.00 20.44 -17.45
N GLY D 105 1.83 20.81 -16.49
CA GLY D 105 2.76 21.91 -16.64
C GLY D 105 2.03 23.22 -16.82
N GLY D 106 2.61 24.10 -17.65
CA GLY D 106 1.99 25.38 -17.97
C GLY D 106 2.00 26.47 -16.90
N LEU D 107 2.79 26.27 -15.85
CA LEU D 107 2.91 27.27 -14.78
C LEU D 107 4.06 28.23 -15.09
N SER D 108 3.93 29.47 -14.63
CA SER D 108 4.96 30.49 -14.85
C SER D 108 4.79 31.67 -13.88
N LYS D 109 5.80 32.51 -13.81
CA LYS D 109 5.75 33.69 -12.96
C LYS D 109 4.82 34.73 -13.57
N THR D 110 3.90 35.23 -12.75
CA THR D 110 2.96 36.26 -13.21
C THR D 110 3.76 37.52 -13.54
N ASN D 111 3.21 38.36 -14.41
CA ASN D 111 3.88 39.60 -14.79
C ASN D 111 4.10 40.53 -13.60
N SER D 112 5.31 41.09 -13.51
CA SER D 112 5.64 42.01 -12.43
C SER D 112 4.96 43.35 -12.70
N LYS D 113 4.68 43.61 -13.98
CA LYS D 113 4.00 44.83 -14.40
C LYS D 113 3.51 44.69 -15.85
N GLU D 114 2.79 45.69 -16.32
CA GLU D 114 2.25 45.71 -17.68
C GLU D 114 3.30 45.34 -18.72
N PHE D 115 2.94 44.43 -19.62
CA PHE D 115 3.83 44.02 -20.69
C PHE D 115 3.06 43.46 -21.88
N SER D 116 3.44 43.90 -23.07
CA SER D 116 2.82 43.44 -24.32
C SER D 116 3.82 43.61 -25.47
N LYS D 117 3.91 42.61 -26.34
CA LYS D 117 4.86 42.65 -27.45
C LYS D 117 4.40 41.79 -28.62
N GLU D 118 4.48 42.34 -29.83
CA GLU D 118 4.10 41.61 -31.03
C GLU D 118 5.36 41.01 -31.64
N VAL D 119 5.23 39.78 -32.14
CA VAL D 119 6.33 39.06 -32.74
C VAL D 119 5.92 38.50 -34.10
N ASP D 120 6.84 38.56 -35.07
CA ASP D 120 6.60 38.06 -36.42
C ASP D 120 6.58 36.54 -36.49
N VAL D 121 5.55 35.99 -37.12
CA VAL D 121 5.42 34.55 -37.31
C VAL D 121 5.56 34.27 -38.80
N LYS D 122 6.74 33.81 -39.22
CA LYS D 122 7.01 33.53 -40.63
C LYS D 122 6.72 32.06 -40.94
N VAL D 123 5.70 31.82 -41.76
CA VAL D 123 5.30 30.47 -42.15
C VAL D 123 5.79 30.08 -43.54
N THR D 124 6.83 29.25 -43.59
CA THR D 124 7.38 28.77 -44.86
C THR D 124 6.78 27.40 -45.13
N ARG D 125 6.69 27.04 -46.40
CA ARG D 125 6.12 25.77 -46.79
C ARG D 125 7.03 25.07 -47.79
N LYS D 126 7.63 23.96 -47.36
CA LYS D 126 8.55 23.19 -48.20
C LYS D 126 7.85 22.02 -48.89
N ILE D 127 7.72 22.11 -50.22
CA ILE D 127 7.10 21.05 -51.01
C ILE D 127 7.87 20.85 -52.32
N SER D 130 5.68 23.16 -57.01
CA SER D 130 5.89 23.69 -55.67
C SER D 130 6.81 24.92 -55.70
N SER D 131 7.00 25.53 -54.53
CA SER D 131 7.87 26.70 -54.40
C SER D 131 8.11 26.98 -52.92
N GLU D 132 8.96 27.98 -52.64
CA GLU D 132 9.28 28.36 -51.27
C GLU D 132 9.14 29.87 -51.04
N LYS D 133 7.99 30.25 -50.49
CA LYS D 133 7.65 31.64 -50.20
C LYS D 133 6.92 31.73 -48.86
N SER D 134 7.45 32.55 -47.95
CA SER D 134 6.88 32.68 -46.61
C SER D 134 5.55 33.44 -46.56
N LYS D 135 4.90 33.34 -45.41
CA LYS D 135 3.66 34.03 -45.15
C LYS D 135 3.80 34.58 -43.73
N ASP D 136 3.86 35.89 -43.60
CA ASP D 136 4.06 36.52 -42.29
C ASP D 136 2.78 36.98 -41.61
N SER D 137 2.81 36.91 -40.29
CA SER D 137 1.70 37.31 -39.44
C SER D 137 2.32 37.75 -38.11
N LYS D 138 1.51 38.31 -37.22
CA LYS D 138 2.03 38.77 -35.94
C LYS D 138 1.37 38.03 -34.79
N PHE D 139 2.18 37.61 -33.82
CA PHE D 139 1.72 36.88 -32.65
C PHE D 139 1.91 37.75 -31.42
N LYS D 140 0.80 38.00 -30.72
CA LYS D 140 0.78 38.85 -29.54
C LYS D 140 1.22 38.13 -28.26
N ILE D 141 2.29 38.62 -27.65
CA ILE D 141 2.83 38.09 -26.40
C ILE D 141 2.50 39.07 -25.27
N THR D 142 1.94 38.56 -24.17
CA THR D 142 1.60 39.43 -23.03
C THR D 142 2.17 38.93 -21.70
N LYS D 143 3.10 37.97 -21.76
CA LYS D 143 3.72 37.42 -20.55
C LYS D 143 5.25 37.50 -20.53
N GLU D 144 5.79 37.98 -19.41
CA GLU D 144 7.23 38.12 -19.21
C GLU D 144 7.92 36.76 -19.18
N GLU D 145 7.26 35.78 -18.54
CA GLU D 145 7.75 34.41 -18.48
C GLU D 145 6.61 33.53 -18.97
N ILE D 146 6.88 32.74 -20.00
CA ILE D 146 5.85 31.92 -20.61
C ILE D 146 6.31 30.47 -20.76
N SER D 147 5.38 29.54 -20.51
CA SER D 147 5.67 28.12 -20.61
C SER D 147 5.71 27.67 -22.05
N LEU D 148 6.40 26.56 -22.30
CA LEU D 148 6.44 26.03 -23.66
C LEU D 148 5.05 25.49 -24.02
N LYS D 149 4.31 25.04 -23.00
CA LYS D 149 2.95 24.54 -23.18
C LYS D 149 2.09 25.58 -23.88
N GLU D 150 2.08 26.79 -23.35
CA GLU D 150 1.25 27.88 -23.92
C GLU D 150 1.66 28.25 -25.35
N LEU D 151 2.95 28.44 -25.59
CA LEU D 151 3.42 28.78 -26.95
C LEU D 151 3.03 27.67 -27.92
N ASP D 152 3.37 26.44 -27.58
CA ASP D 152 3.05 25.30 -28.42
C ASP D 152 1.57 25.23 -28.74
N PHE D 153 0.75 25.28 -27.70
CA PHE D 153 -0.69 25.15 -27.88
C PHE D 153 -1.28 26.29 -28.69
N LYS D 154 -0.95 27.53 -28.31
CA LYS D 154 -1.47 28.70 -29.02
C LYS D 154 -0.95 28.81 -30.45
N LEU D 155 0.30 28.45 -30.69
CA LEU D 155 0.85 28.55 -32.05
C LEU D 155 0.24 27.51 -32.99
N ARG D 156 0.01 26.29 -32.48
CA ARG D 156 -0.63 25.26 -33.32
C ARG D 156 -2.09 25.64 -33.59
N LYS D 157 -2.76 26.14 -32.55
CA LYS D 157 -4.15 26.59 -32.66
C LYS D 157 -4.26 27.61 -33.81
N LYS D 158 -3.31 28.53 -33.86
CA LYS D 158 -3.24 29.53 -34.94
C LYS D 158 -3.04 28.86 -36.30
N LEU D 159 -2.18 27.84 -36.34
CA LEU D 159 -1.90 27.11 -37.59
C LEU D 159 -3.10 26.27 -38.01
N MET D 160 -3.87 25.77 -37.04
CA MET D 160 -5.08 25.00 -37.35
C MET D 160 -6.13 25.90 -37.99
N GLU D 161 -6.21 27.14 -37.53
CA GLU D 161 -7.17 28.10 -38.05
C GLU D 161 -6.74 28.69 -39.39
N GLU D 162 -5.47 29.10 -39.45
CA GLU D 162 -4.95 29.80 -40.63
C GLU D 162 -4.26 28.95 -41.70
N GLU D 163 -3.51 27.93 -41.30
CA GLU D 163 -2.77 27.11 -42.27
C GLU D 163 -3.31 25.69 -42.42
N LYS D 164 -4.56 25.51 -41.99
CA LYS D 164 -5.25 24.22 -42.09
C LYS D 164 -4.44 23.05 -41.48
N LEU D 165 -3.70 23.33 -40.40
CA LEU D 165 -2.93 22.31 -39.70
C LEU D 165 -3.90 21.27 -39.12
N TYR D 166 -3.55 20.00 -39.28
CA TYR D 166 -4.38 18.87 -38.84
C TYR D 166 -5.80 18.87 -39.45
N GLY D 167 -6.02 19.68 -40.49
CA GLY D 167 -7.32 19.75 -41.14
C GLY D 167 -7.52 18.60 -42.11
N ALA D 168 -6.42 17.95 -42.46
CA ALA D 168 -6.43 16.82 -43.37
C ALA D 168 -5.40 15.80 -42.91
N VAL D 169 -5.51 14.58 -43.43
CA VAL D 169 -4.61 13.49 -43.07
C VAL D 169 -3.14 13.85 -43.26
N ASN D 170 -2.78 14.34 -44.44
CA ASN D 170 -1.38 14.71 -44.73
C ASN D 170 -0.89 16.00 -44.05
N ASN D 171 -1.79 16.77 -43.47
CA ASN D 171 -1.44 18.05 -42.86
C ASN D 171 -0.96 18.00 -41.41
N ARG D 172 0.02 17.16 -41.11
CA ARG D 172 0.53 17.11 -39.74
C ARG D 172 2.06 17.05 -39.66
N LYS D 173 2.73 17.34 -40.77
CA LYS D 173 4.18 17.26 -40.79
C LYS D 173 4.74 18.68 -40.92
N GLY D 174 5.64 19.05 -40.01
CA GLY D 174 6.27 20.37 -40.01
C GLY D 174 6.90 20.66 -38.66
N LYS D 175 7.22 21.93 -38.40
CA LYS D 175 7.78 22.30 -37.10
C LYS D 175 7.71 23.80 -36.80
N ILE D 176 7.65 24.11 -35.50
CA ILE D 176 7.62 25.47 -35.00
C ILE D 176 8.92 25.75 -34.28
N VAL D 177 9.59 26.84 -34.64
CA VAL D 177 10.83 27.21 -34.00
C VAL D 177 10.71 28.57 -33.35
N VAL D 178 10.80 28.60 -32.03
CA VAL D 178 10.75 29.84 -31.28
C VAL D 178 12.19 30.33 -31.13
N LYS D 179 12.54 31.41 -31.83
CA LYS D 179 13.90 31.95 -31.79
C LYS D 179 14.03 33.10 -30.78
N MET D 180 15.05 33.02 -29.93
CA MET D 180 15.31 34.04 -28.90
C MET D 180 16.31 35.07 -29.40
N GLU D 181 16.52 36.13 -28.62
CA GLU D 181 17.45 37.20 -29.00
C GLU D 181 18.90 36.75 -29.14
N ASP D 182 19.34 35.87 -28.24
CA ASP D 182 20.72 35.40 -28.25
C ASP D 182 20.96 34.11 -29.06
N ASP D 183 20.22 33.97 -30.17
CA ASP D 183 20.32 32.82 -31.08
C ASP D 183 19.99 31.44 -30.47
N LYS D 184 19.31 31.45 -29.34
CA LYS D 184 18.87 30.20 -28.71
C LYS D 184 17.47 29.97 -29.26
N PHE D 185 17.11 28.72 -29.52
CA PHE D 185 15.77 28.43 -30.05
C PHE D 185 15.16 27.15 -29.52
N TYR D 186 13.84 27.06 -29.61
CA TYR D 186 13.08 25.89 -29.13
C TYR D 186 12.21 25.38 -30.26
N THR D 187 12.23 24.05 -30.48
CA THR D 187 11.48 23.42 -31.56
C THR D 187 10.32 22.55 -31.10
N PHE D 188 9.17 22.70 -31.76
CA PHE D 188 8.01 21.86 -31.50
C PHE D 188 7.73 21.09 -32.77
N GLU D 189 7.96 19.78 -32.75
CA GLU D 189 7.70 18.93 -33.91
C GLU D 189 6.18 18.77 -33.99
N LEU D 190 5.61 19.08 -35.15
CA LEU D 190 4.17 19.03 -35.36
C LEU D 190 3.59 17.63 -35.57
N THR D 191 4.45 16.66 -35.84
CA THR D 191 3.99 15.28 -36.09
C THR D 191 3.52 14.58 -34.81
N LYS D 192 3.75 15.20 -33.66
CA LYS D 192 3.32 14.65 -32.37
C LYS D 192 3.04 15.75 -31.35
N LYS D 193 2.42 15.35 -30.24
CA LYS D 193 2.11 16.29 -29.15
C LYS D 193 3.40 16.73 -28.46
N LEU D 194 3.38 17.89 -27.83
CA LEU D 194 4.53 18.36 -27.07
C LEU D 194 4.76 17.34 -25.96
N GLN D 195 6.02 16.96 -25.71
CA GLN D 195 6.32 16.01 -24.66
C GLN D 195 5.88 16.58 -23.31
N PRO D 196 5.18 15.78 -22.47
CA PRO D 196 4.74 16.27 -21.17
C PRO D 196 5.85 16.88 -20.31
N HIS D 197 7.04 16.30 -20.33
CA HIS D 197 8.15 16.81 -19.53
C HIS D 197 8.68 18.17 -19.99
N ARG D 198 8.23 18.63 -21.16
CA ARG D 198 8.64 19.95 -21.66
C ARG D 198 7.56 21.03 -21.44
N MET D 199 6.36 20.63 -21.04
CA MET D 199 5.26 21.59 -20.84
C MET D 199 5.49 22.59 -19.70
N GLY D 200 6.24 22.18 -18.69
CA GLY D 200 6.56 23.03 -17.55
C GLY D 200 7.78 23.92 -17.76
N ASP D 201 8.51 23.71 -18.86
CA ASP D 201 9.66 24.55 -19.17
C ASP D 201 9.18 25.95 -19.53
N THR D 202 9.86 26.96 -19.00
CA THR D 202 9.54 28.34 -19.28
C THR D 202 10.71 29.04 -19.94
N ILE D 203 10.43 30.17 -20.59
CA ILE D 203 11.44 31.00 -21.23
C ILE D 203 11.08 32.46 -21.02
N ASP D 204 12.03 33.35 -21.26
CA ASP D 204 11.81 34.79 -21.09
C ASP D 204 11.04 35.30 -22.30
N GLY D 205 9.76 35.59 -22.09
CA GLY D 205 8.89 36.08 -23.14
C GLY D 205 9.36 37.39 -23.76
N THR D 206 9.97 38.23 -22.94
CA THR D 206 10.47 39.52 -23.41
C THR D 206 11.64 39.34 -24.38
N LYS D 207 12.34 38.22 -24.27
CA LYS D 207 13.49 37.95 -25.14
C LYS D 207 13.15 37.14 -26.39
N ILE D 208 11.86 36.91 -26.63
CA ILE D 208 11.43 36.20 -27.83
C ILE D 208 11.56 37.18 -29.00
N LYS D 209 12.34 36.80 -30.00
CA LYS D 209 12.59 37.65 -31.16
C LYS D 209 11.80 37.28 -32.40
N GLU D 210 11.63 35.99 -32.65
CA GLU D 210 10.99 35.54 -33.88
C GLU D 210 10.45 34.12 -33.79
N ILE D 211 9.39 33.85 -34.54
CA ILE D 211 8.78 32.52 -34.60
C ILE D 211 8.73 32.06 -36.05
N ASN D 212 9.52 31.02 -36.36
CA ASN D 212 9.63 30.49 -37.74
C ASN D 212 8.99 29.12 -37.86
N VAL D 213 8.01 29.00 -38.75
CA VAL D 213 7.30 27.75 -38.92
C VAL D 213 7.52 27.15 -40.31
N GLU D 214 7.87 25.86 -40.34
CA GLU D 214 8.04 25.14 -41.60
C GLU D 214 6.95 24.08 -41.67
N LEU D 215 6.17 24.11 -42.74
CA LEU D 215 5.11 23.14 -42.97
C LEU D 215 5.50 22.27 -44.16
N GLU D 216 5.30 20.96 -44.03
CA GLU D 216 5.64 20.02 -45.11
C GLU D 216 4.38 19.40 -45.70
N TYR D 217 3.40 20.23 -46.06
CA TYR D 217 2.17 19.72 -46.66
C TYR D 217 1.49 20.74 -47.57
N LYS D 218 0.50 20.27 -48.33
CA LYS D 218 -0.28 21.08 -49.28
C LYS D 218 -0.58 22.48 -48.76
#